data_9HQE
#
_entry.id   9HQE
#
_cell.length_a   50.987
_cell.length_b   86.925
_cell.length_c   154.390
_cell.angle_alpha   90.000
_cell.angle_beta   90.000
_cell.angle_gamma   90.000
#
_symmetry.space_group_name_H-M   'P 21 21 21'
#
loop_
_entity.id
_entity.type
_entity.pdbx_description
1 polymer XusB
2 non-polymer 'TRIETHYLENE GLYCOL'
3 non-polymer DI(HYDROXYETHYL)ETHER
4 non-polymer 'CHLORIDE ION'
5 water water
#
_entity_poly.entity_id   1
_entity_poly.type   'polypeptide(L)'
_entity_poly.pdbx_seq_one_letter_code
;MITMYRIYMYLLAACLLLGVTACEEEGLGNEETPFAPYVLSLGINSNGTTTYYVVTAPELMSGTINAVAKGIEQNGYRDY
EQAGQTVFSIGGLGLTSATGIVRDANGYLTERGDFVFNSSLNAFTQMDGQNMIGLELPANKESGDQMTLYTVNISDVSIT
SQVKAPVFPLNQLEWPSITGMCYSEGNVYVTYFPMNPSTFETLYTDTTFVAVYSYPDMQFKTLMKDTRTGPAGSWNAFNG
IFKVESGDMYIMSNSAIANGFSQSTKNAAFLRIPKGETHFDDYYFDFETVSGGLKPAHIKYIGNGLVFAEVSTISPQTSA
DRWGDKSLKCCIIDLNNKTVRDIKEIPVHNGDGGRRFAALVDGGYVYRPVTASEGTYIYQVDPQAATAVRGAKVSTTFVG
GFFRLDLEHHHHHH
;
_entity_poly.pdbx_strand_id   A,B
#
# COMPACT_ATOMS: atom_id res chain seq x y z
N ASN A 30 -10.66 21.81 11.25
CA ASN A 30 -10.15 20.46 11.07
C ASN A 30 -8.90 20.46 10.21
N GLU A 31 -7.81 19.87 10.71
CA GLU A 31 -6.56 19.79 9.98
C GLU A 31 -6.30 18.39 9.43
N GLU A 32 -7.24 17.46 9.58
CA GLU A 32 -7.06 16.13 9.00
C GLU A 32 -7.02 16.23 7.47
N THR A 33 -6.06 15.54 6.86
CA THR A 33 -6.00 15.44 5.41
C THR A 33 -6.80 14.23 4.95
N PRO A 34 -7.89 14.40 4.19
CA PRO A 34 -8.68 13.24 3.76
C PRO A 34 -7.85 12.29 2.91
N PHE A 35 -8.04 10.99 3.15
CA PHE A 35 -7.38 9.86 2.50
C PHE A 35 -5.89 9.77 2.82
N ALA A 36 -5.40 10.53 3.78
CA ALA A 36 -4.02 10.35 4.26
C ALA A 36 -3.88 8.92 4.78
N PRO A 37 -3.02 8.08 4.19
CA PRO A 37 -3.13 6.63 4.45
C PRO A 37 -2.72 6.22 5.85
N TYR A 38 -1.78 6.91 6.48
CA TYR A 38 -1.11 6.38 7.66
C TYR A 38 -1.83 6.83 8.92
N VAL A 39 -2.01 5.89 9.84
CA VAL A 39 -2.75 6.09 11.09
C VAL A 39 -1.78 5.94 12.25
N LEU A 40 -1.73 6.94 13.14
CA LEU A 40 -0.89 6.86 14.32
C LEU A 40 -1.73 7.21 15.54
N SER A 41 -1.68 6.36 16.55
CA SER A 41 -2.32 6.67 17.83
C SER A 41 -1.26 7.34 18.70
N LEU A 42 -1.40 8.65 18.91
CA LEU A 42 -0.40 9.40 19.65
C LEU A 42 -0.79 9.36 21.13
N GLY A 43 0.04 8.70 21.93
CA GLY A 43 -0.13 8.74 23.35
C GLY A 43 0.53 9.96 23.94
N ILE A 44 -0.25 10.84 24.56
CA ILE A 44 0.25 12.11 25.03
C ILE A 44 -0.03 12.24 26.52
N ASN A 45 1.04 12.41 27.30
CA ASN A 45 0.95 12.58 28.74
C ASN A 45 0.74 14.05 29.06
N SER A 46 -0.40 14.39 29.63
CA SER A 46 -0.68 15.75 30.08
C SER A 46 -1.15 15.68 31.53
N ASN A 47 -0.43 16.36 32.41
CA ASN A 47 -0.76 16.44 33.83
C ASN A 47 -1.04 15.06 34.43
N GLY A 48 -0.12 14.12 34.17
CA GLY A 48 -0.17 12.79 34.73
C GLY A 48 -0.91 11.76 33.91
N THR A 49 -1.85 12.18 33.07
CA THR A 49 -2.75 11.27 32.38
C THR A 49 -2.34 11.08 30.92
N THR A 50 -2.42 9.84 30.44
CA THR A 50 -2.17 9.55 29.03
C THR A 50 -3.48 9.57 28.29
N THR A 51 -3.56 10.39 27.24
CA THR A 51 -4.68 10.45 26.32
C THR A 51 -4.17 10.06 24.94
N TYR A 52 -4.96 9.27 24.22
CA TYR A 52 -4.62 8.85 22.87
C TYR A 52 -5.36 9.72 21.85
N TYR A 53 -4.63 10.15 20.83
CA TYR A 53 -5.21 10.88 19.70
C TYR A 53 -4.87 10.08 18.46
N VAL A 54 -5.90 9.51 17.82
CA VAL A 54 -5.71 8.71 16.61
C VAL A 54 -5.75 9.69 15.45
N VAL A 55 -4.60 9.92 14.82
CA VAL A 55 -4.46 10.90 13.77
C VAL A 55 -4.04 10.19 12.50
N THR A 56 -4.08 10.92 11.39
CA THR A 56 -3.53 10.41 10.16
C THR A 56 -2.42 11.32 9.67
N ALA A 57 -1.56 10.75 8.81
CA ALA A 57 -0.43 11.44 8.24
C ALA A 57 -0.38 11.06 6.76
N PRO A 58 -0.21 12.02 5.87
CA PRO A 58 -0.14 11.68 4.44
C PRO A 58 1.17 11.06 4.04
N GLU A 59 2.25 11.30 4.80
CA GLU A 59 3.53 10.66 4.52
C GLU A 59 4.33 10.53 5.80
N LEU A 60 5.38 9.71 5.73
CA LEU A 60 6.15 9.32 6.91
C LEU A 60 7.57 9.85 6.93
N MET A 61 8.01 10.56 5.87
CA MET A 61 9.42 10.86 5.72
C MET A 61 9.78 12.31 5.99
N SER A 62 8.81 13.21 6.08
CA SER A 62 9.11 14.58 6.43
C SER A 62 7.89 15.18 7.10
N GLY A 63 8.03 16.42 7.52
CA GLY A 63 6.95 17.09 8.19
C GLY A 63 6.87 16.64 9.63
N THR A 64 5.86 17.16 10.31
CA THR A 64 5.65 16.82 11.71
C THR A 64 4.26 16.25 11.84
N ILE A 65 4.18 15.05 12.39
CA ILE A 65 2.91 14.41 12.68
C ILE A 65 2.49 14.84 14.09
N ASN A 66 1.27 15.35 14.22
CA ASN A 66 0.85 15.83 15.53
C ASN A 66 -0.67 15.72 15.64
N ALA A 67 -1.19 16.04 16.83
CA ALA A 67 -2.61 16.05 17.09
C ALA A 67 -3.16 17.45 17.25
N VAL A 68 -2.47 18.46 16.72
CA VAL A 68 -3.01 19.81 16.67
C VAL A 68 -4.18 19.84 15.69
N ALA A 69 -5.36 20.16 16.20
CA ALA A 69 -6.57 20.35 15.40
C ALA A 69 -6.85 19.16 14.47
N LYS A 70 -6.59 17.96 14.96
CA LYS A 70 -6.94 16.73 14.24
C LYS A 70 -6.91 15.58 15.22
N GLY A 71 -7.69 14.53 14.92
CA GLY A 71 -7.59 13.28 15.66
C GLY A 71 -8.83 12.83 16.40
N ILE A 72 -8.96 11.52 16.57
CA ILE A 72 -10.01 10.92 17.37
C ILE A 72 -9.47 10.81 18.78
N GLU A 73 -10.02 11.58 19.71
CA GLU A 73 -9.56 11.52 21.09
C GLU A 73 -10.09 10.27 21.77
N GLN A 74 -9.20 9.49 22.36
CA GLN A 74 -9.60 8.28 23.09
C GLN A 74 -9.00 8.30 24.48
N ASN A 75 -9.85 8.34 25.49
CA ASN A 75 -9.43 8.37 26.88
C ASN A 75 -9.33 6.96 27.46
N GLY A 76 -8.53 6.83 28.52
CA GLY A 76 -8.29 5.54 29.14
C GLY A 76 -7.15 4.80 28.46
N TYR A 77 -6.89 3.59 28.95
CA TYR A 77 -5.86 2.76 28.35
C TYR A 77 -6.38 2.17 27.05
N ARG A 78 -5.59 2.31 25.98
CA ARG A 78 -5.95 1.74 24.69
C ARG A 78 -4.72 1.07 24.09
N ASP A 79 -4.92 -0.09 23.47
CA ASP A 79 -3.91 -0.67 22.60
C ASP A 79 -4.59 -0.99 21.28
N TYR A 80 -3.79 -1.18 20.24
CA TYR A 80 -4.35 -1.17 18.88
C TYR A 80 -3.88 -2.38 18.08
N GLU A 81 -4.78 -2.95 17.32
CA GLU A 81 -4.48 -4.11 16.48
C GLU A 81 -5.29 -3.97 15.21
N GLN A 82 -4.67 -4.26 14.06
CA GLN A 82 -5.34 -4.13 12.76
C GLN A 82 -5.64 -5.51 12.18
N ALA A 83 -6.81 -5.64 11.55
CA ALA A 83 -7.07 -6.75 10.66
C ALA A 83 -7.92 -6.24 9.50
N GLY A 84 -7.60 -6.71 8.30
CA GLY A 84 -8.24 -6.15 7.13
C GLY A 84 -8.05 -4.65 7.12
N GLN A 85 -9.14 -3.91 6.88
CA GLN A 85 -9.14 -2.46 6.96
C GLN A 85 -9.90 -1.96 8.19
N THR A 86 -9.74 -2.65 9.32
CA THR A 86 -10.27 -2.20 10.61
C THR A 86 -9.14 -2.13 11.61
N VAL A 87 -9.01 -0.99 12.29
CA VAL A 87 -8.11 -0.88 13.42
C VAL A 87 -8.96 -1.00 14.69
N PHE A 88 -8.64 -2.00 15.52
CA PHE A 88 -9.34 -2.21 16.78
C PHE A 88 -8.66 -1.41 17.88
N SER A 89 -9.42 -0.55 18.55
CA SER A 89 -8.96 0.20 19.72
C SER A 89 -9.45 -0.58 20.93
N ILE A 90 -8.54 -1.32 21.56
CA ILE A 90 -8.89 -2.26 22.62
C ILE A 90 -8.67 -1.56 23.96
N GLY A 91 -9.76 -1.32 24.69
CA GLY A 91 -9.65 -0.65 25.98
C GLY A 91 -9.05 -1.57 27.04
N GLY A 92 -8.41 -0.95 28.03
CA GLY A 92 -7.77 -1.69 29.10
C GLY A 92 -7.94 -0.94 30.42
N LEU A 93 -7.38 -1.53 31.47
CA LEU A 93 -7.31 -0.92 32.79
C LEU A 93 -8.66 -0.32 33.22
N GLY A 94 -9.72 -1.10 33.05
CA GLY A 94 -11.05 -0.60 33.37
C GLY A 94 -12.02 -0.56 32.21
N LEU A 95 -11.54 -0.12 31.03
CA LEU A 95 -12.36 -0.17 29.83
C LEU A 95 -12.52 -1.62 29.39
N THR A 96 -13.75 -2.03 29.10
CA THR A 96 -14.02 -3.43 28.77
C THR A 96 -14.64 -3.56 27.39
N SER A 97 -14.22 -2.72 26.46
CA SER A 97 -14.72 -2.82 25.10
C SER A 97 -13.60 -2.55 24.11
N ALA A 98 -13.79 -3.05 22.89
CA ALA A 98 -12.98 -2.69 21.74
C ALA A 98 -13.86 -1.97 20.73
N THR A 99 -13.30 -0.92 20.12
CA THR A 99 -13.98 -0.06 19.18
C THR A 99 -13.27 -0.14 17.85
N GLY A 100 -14.03 -0.19 16.76
CA GLY A 100 -13.41 -0.18 15.46
C GLY A 100 -13.07 1.23 15.04
N ILE A 101 -12.03 1.35 14.23
CA ILE A 101 -11.67 2.58 13.55
C ILE A 101 -11.48 2.20 12.09
N VAL A 102 -12.23 2.85 11.22
CA VAL A 102 -12.22 2.59 9.78
C VAL A 102 -12.13 3.92 9.04
N ARG A 103 -11.79 3.84 7.76
CA ARG A 103 -11.79 5.03 6.91
C ARG A 103 -13.12 5.09 6.18
N ASP A 104 -13.84 6.20 6.33
CA ASP A 104 -15.10 6.35 5.64
C ASP A 104 -14.86 6.79 4.19
N ALA A 105 -15.94 6.80 3.42
CA ALA A 105 -15.85 7.08 2.01
C ALA A 105 -15.40 8.51 1.72
N ASN A 106 -15.50 9.42 2.69
CA ASN A 106 -14.98 10.77 2.56
C ASN A 106 -13.49 10.87 2.86
N GLY A 107 -12.82 9.76 3.14
CA GLY A 107 -11.40 9.79 3.43
C GLY A 107 -11.04 10.04 4.88
N TYR A 108 -12.01 10.30 5.74
CA TYR A 108 -11.76 10.58 7.16
C TYR A 108 -11.93 9.32 8.00
N LEU A 109 -11.14 9.22 9.07
CA LEU A 109 -11.34 8.13 10.01
C LEU A 109 -12.59 8.35 10.83
N THR A 110 -13.26 7.25 11.17
CA THR A 110 -14.41 7.31 12.06
C THR A 110 -14.42 6.06 12.92
N GLU A 111 -15.12 6.13 14.04
CA GLU A 111 -15.28 4.96 14.90
C GLU A 111 -16.46 4.13 14.42
N ARG A 112 -16.31 2.82 14.43
CA ARG A 112 -17.35 1.90 13.96
C ARG A 112 -17.42 0.71 14.88
N GLY A 113 -18.61 0.46 15.45
CA GLY A 113 -18.86 -0.78 16.16
C GLY A 113 -18.28 -0.81 17.57
N ASP A 114 -18.61 -1.89 18.28
CA ASP A 114 -18.32 -2.03 19.70
C ASP A 114 -18.40 -3.50 20.03
N PHE A 115 -17.32 -4.04 20.57
CA PHE A 115 -17.25 -5.43 21.04
C PHE A 115 -16.99 -5.35 22.54
N VAL A 116 -17.98 -5.73 23.34
CA VAL A 116 -17.86 -5.66 24.80
C VAL A 116 -17.38 -7.01 25.31
N PHE A 117 -16.35 -6.98 26.16
CA PHE A 117 -15.93 -8.16 26.90
C PHE A 117 -16.12 -7.90 28.39
N ASN A 118 -15.66 -8.84 29.23
CA ASN A 118 -15.98 -8.77 30.65
C ASN A 118 -14.94 -8.01 31.47
N SER A 119 -13.65 -8.28 31.24
CA SER A 119 -12.61 -7.63 32.02
C SER A 119 -11.40 -7.26 31.19
N SER A 120 -10.74 -8.24 30.58
CA SER A 120 -9.55 -7.94 29.80
C SER A 120 -9.47 -8.89 28.61
N LEU A 121 -8.96 -8.39 27.49
CA LEU A 121 -8.80 -9.22 26.30
C LEU A 121 -7.35 -9.71 26.29
N ASN A 122 -7.13 -10.92 26.80
CA ASN A 122 -5.76 -11.41 26.98
C ASN A 122 -5.08 -11.70 25.65
N ALA A 123 -5.84 -12.09 24.64
CA ALA A 123 -5.24 -12.35 23.34
C ALA A 123 -6.27 -12.08 22.25
N PHE A 124 -5.78 -11.80 21.06
CA PHE A 124 -6.66 -11.36 19.96
C PHE A 124 -5.90 -11.60 18.67
N THR A 125 -6.48 -12.40 17.77
CA THR A 125 -5.76 -12.75 16.55
C THR A 125 -6.76 -13.00 15.42
N GLN A 126 -6.26 -12.96 14.20
CA GLN A 126 -7.16 -13.11 13.05
C GLN A 126 -7.34 -14.58 12.73
N MET A 127 -8.59 -14.98 12.56
CA MET A 127 -8.87 -16.37 12.19
C MET A 127 -9.01 -16.54 10.68
N ASP A 128 -9.72 -15.65 10.02
CA ASP A 128 -9.84 -15.72 8.57
C ASP A 128 -10.12 -14.30 8.05
N GLY A 129 -10.47 -14.19 6.77
CA GLY A 129 -10.62 -12.88 6.17
C GLY A 129 -11.73 -12.05 6.81
N GLN A 130 -12.64 -12.69 7.52
CA GLN A 130 -13.81 -12.00 8.05
C GLN A 130 -13.88 -11.98 9.58
N ASN A 131 -13.03 -12.71 10.28
CA ASN A 131 -13.24 -12.90 11.71
C ASN A 131 -11.94 -12.79 12.50
N MET A 132 -12.04 -12.16 13.68
CA MET A 132 -11.05 -12.29 14.74
C MET A 132 -11.52 -13.33 15.76
N ILE A 133 -10.58 -13.86 16.54
CA ILE A 133 -10.87 -14.58 17.77
C ILE A 133 -10.16 -13.88 18.91
N GLY A 134 -10.83 -13.80 20.06
CA GLY A 134 -10.31 -13.12 21.23
C GLY A 134 -10.47 -14.03 22.44
N LEU A 135 -9.43 -14.14 23.24
CA LEU A 135 -9.44 -15.00 24.42
C LEU A 135 -9.45 -14.15 25.68
N GLU A 136 -10.34 -14.49 26.61
CA GLU A 136 -10.50 -13.73 27.85
C GLU A 136 -10.45 -14.70 29.02
N LEU A 137 -9.48 -14.49 29.91
CA LEU A 137 -9.42 -15.26 31.14
C LEU A 137 -10.41 -14.71 32.15
N PRO A 138 -10.87 -15.55 33.09
CA PRO A 138 -11.72 -15.05 34.18
C PRO A 138 -10.91 -14.18 35.14
N ASN A 140 -7.63 -14.32 38.67
CA ASN A 140 -7.01 -15.49 39.28
C ASN A 140 -8.01 -16.64 39.37
N LYS A 141 -7.63 -17.68 40.10
CA LYS A 141 -8.49 -18.85 40.26
C LYS A 141 -9.77 -18.55 41.05
N GLU A 142 -9.84 -17.39 41.72
CA GLU A 142 -11.06 -16.93 42.36
C GLU A 142 -11.89 -16.02 41.48
N SER A 143 -11.27 -15.34 40.52
CA SER A 143 -11.96 -14.53 39.53
C SER A 143 -12.85 -15.35 38.61
N GLY A 144 -12.92 -16.67 38.77
CA GLY A 144 -13.66 -17.54 37.87
C GLY A 144 -12.84 -18.75 37.47
N ASP A 145 -13.55 -19.72 36.89
CA ASP A 145 -12.90 -20.95 36.44
C ASP A 145 -12.87 -21.13 34.93
N GLN A 146 -13.73 -20.44 34.19
CA GLN A 146 -13.81 -20.60 32.75
C GLN A 146 -13.28 -19.36 32.03
N MET A 147 -12.62 -19.60 30.91
CA MET A 147 -12.26 -18.54 29.99
C MET A 147 -13.23 -18.54 28.82
N THR A 148 -13.19 -17.46 28.05
CA THR A 148 -14.12 -17.25 26.95
C THR A 148 -13.34 -16.98 25.67
N LEU A 149 -13.67 -17.70 24.60
CA LEU A 149 -13.20 -17.36 23.26
C LEU A 149 -14.33 -16.65 22.50
N TYR A 150 -14.10 -15.42 22.10
CA TYR A 150 -15.04 -14.64 21.29
C TYR A 150 -14.65 -14.74 19.83
N THR A 151 -15.64 -14.91 18.96
CA THR A 151 -15.46 -14.76 17.52
C THR A 151 -16.12 -13.45 17.11
N VAL A 152 -15.34 -12.57 16.49
CA VAL A 152 -15.73 -11.18 16.26
C VAL A 152 -15.67 -10.92 14.76
N ASN A 153 -16.78 -10.45 14.20
CA ASN A 153 -16.80 -10.09 12.79
C ASN A 153 -16.03 -8.79 12.57
N ILE A 154 -15.09 -8.81 11.62
CA ILE A 154 -14.20 -7.66 11.42
C ILE A 154 -14.96 -6.45 10.87
N SER A 155 -15.84 -6.67 9.90
CA SER A 155 -16.48 -5.53 9.26
C SER A 155 -17.61 -4.94 10.11
N ASP A 156 -18.26 -5.76 10.94
CA ASP A 156 -19.31 -5.27 11.82
C ASP A 156 -18.81 -4.90 13.21
N VAL A 157 -17.61 -5.36 13.58
CA VAL A 157 -17.03 -5.20 14.91
C VAL A 157 -18.05 -5.68 15.93
N SER A 158 -18.41 -6.95 15.85
CA SER A 158 -19.49 -7.45 16.69
C SER A 158 -19.25 -8.92 16.95
N ILE A 159 -19.68 -9.37 18.13
CA ILE A 159 -19.47 -10.75 18.54
C ILE A 159 -20.42 -11.67 17.77
N THR A 160 -19.85 -12.55 16.94
CA THR A 160 -20.61 -13.51 16.16
C THR A 160 -20.97 -14.75 16.97
N SER A 161 -20.08 -15.18 17.84
CA SER A 161 -20.28 -16.36 18.67
C SER A 161 -19.31 -16.27 19.83
N GLN A 162 -19.61 -17.03 20.89
CA GLN A 162 -18.67 -17.11 21.98
C GLN A 162 -18.87 -18.44 22.67
N VAL A 163 -17.78 -18.98 23.19
CA VAL A 163 -17.78 -20.28 23.83
C VAL A 163 -16.89 -20.23 25.07
N LYS A 164 -17.26 -21.02 26.06
CA LYS A 164 -16.50 -21.08 27.30
C LYS A 164 -15.67 -22.36 27.30
N ALA A 165 -14.59 -22.31 28.06
CA ALA A 165 -13.68 -23.45 28.21
C ALA A 165 -13.04 -23.34 29.59
N PRO A 166 -12.62 -24.47 30.17
CA PRO A 166 -11.79 -24.39 31.37
C PRO A 166 -10.47 -23.69 31.10
N VAL A 167 -9.93 -23.08 32.15
CA VAL A 167 -8.58 -22.55 32.11
C VAL A 167 -7.56 -23.68 32.15
N PHE A 168 -7.80 -24.68 32.99
CA PHE A 168 -6.87 -25.81 33.10
C PHE A 168 -6.72 -26.49 31.74
N PRO A 169 -5.49 -26.89 31.35
CA PRO A 169 -4.24 -26.92 32.11
C PRO A 169 -3.37 -25.66 31.99
N LEU A 170 -3.91 -24.53 31.53
CA LEU A 170 -3.10 -23.31 31.50
C LEU A 170 -2.59 -22.94 32.88
N ASN A 171 -3.33 -23.32 33.94
CA ASN A 171 -2.95 -22.98 35.31
C ASN A 171 -2.46 -24.20 36.09
N GLN A 172 -1.97 -25.23 35.39
CA GLN A 172 -1.49 -26.44 36.07
C GLN A 172 -0.37 -26.14 37.06
N LEU A 173 0.57 -25.28 36.70
CA LEU A 173 1.69 -24.94 37.57
C LEU A 173 1.46 -23.65 38.33
N GLU A 174 0.91 -22.66 37.63
CA GLU A 174 0.59 -21.35 38.17
C GLU A 174 -0.34 -20.69 37.17
N TRP A 175 -1.04 -19.66 37.62
CA TRP A 175 -1.96 -18.94 36.74
C TRP A 175 -1.23 -18.48 35.49
N PRO A 176 -1.83 -18.61 34.30
CA PRO A 176 -1.13 -18.24 33.08
C PRO A 176 -1.07 -16.73 32.86
N SER A 177 -0.01 -16.30 32.19
CA SER A 177 0.10 -14.96 31.65
C SER A 177 0.24 -15.12 30.14
N ILE A 178 -0.78 -14.72 29.40
CA ILE A 178 -0.90 -15.04 27.98
C ILE A 178 -0.02 -14.10 27.18
N THR A 179 0.76 -14.66 26.23
CA THR A 179 1.67 -13.87 25.42
C THR A 179 1.38 -13.92 23.93
N GLY A 180 0.44 -14.72 23.47
CA GLY A 180 0.07 -14.68 22.08
C GLY A 180 -0.96 -15.75 21.80
N MET A 181 -1.54 -15.65 20.62
CA MET A 181 -2.51 -16.64 20.16
C MET A 181 -2.44 -16.65 18.64
N CYS A 182 -2.62 -17.83 18.05
CA CYS A 182 -2.62 -17.97 16.60
C CYS A 182 -3.67 -18.99 16.19
N TYR A 183 -4.28 -18.79 15.03
CA TYR A 183 -5.19 -19.78 14.44
C TYR A 183 -4.52 -20.46 13.25
N SER A 184 -4.61 -21.79 13.20
CA SER A 184 -4.07 -22.54 12.06
C SER A 184 -4.94 -23.77 11.79
N GLU A 185 -5.61 -23.79 10.64
CA GLU A 185 -6.30 -24.99 10.14
C GLU A 185 -7.25 -25.58 11.17
N GLY A 186 -7.98 -24.72 11.86
CA GLY A 186 -8.97 -25.18 12.82
C GLY A 186 -8.45 -25.40 14.23
N ASN A 187 -7.16 -25.22 14.47
CA ASN A 187 -6.56 -25.28 15.80
C ASN A 187 -6.31 -23.86 16.31
N VAL A 188 -6.49 -23.66 17.60
CA VAL A 188 -6.15 -22.41 18.27
C VAL A 188 -4.95 -22.68 19.17
N TYR A 189 -3.89 -21.89 18.98
CA TYR A 189 -2.61 -22.02 19.70
C TYR A 189 -2.42 -20.84 20.64
N VAL A 190 -2.14 -21.12 21.91
CA VAL A 190 -2.00 -20.08 22.94
C VAL A 190 -0.63 -20.22 23.59
N THR A 191 0.19 -19.16 23.50
CA THR A 191 1.46 -19.12 24.22
C THR A 191 1.26 -18.39 25.53
N TYR A 192 1.97 -18.83 26.56
CA TYR A 192 1.82 -18.25 27.89
C TYR A 192 3.02 -18.65 28.73
N PHE A 193 3.16 -17.98 29.88
CA PHE A 193 4.04 -18.48 30.92
C PHE A 193 3.32 -18.44 32.26
N PRO A 194 3.62 -19.37 33.16
CA PRO A 194 3.04 -19.30 34.51
C PRO A 194 3.61 -18.11 35.28
N MET A 195 2.74 -17.40 36.00
CA MET A 195 3.16 -16.31 36.86
C MET A 195 2.21 -16.16 38.03
N ASN A 196 2.75 -16.16 39.23
CA ASN A 196 1.93 -15.95 40.42
C ASN A 196 1.35 -14.55 40.38
N PRO A 197 0.02 -14.39 40.28
CA PRO A 197 -0.53 -13.04 40.07
C PRO A 197 -0.34 -12.09 41.25
N SER A 198 -0.01 -12.58 42.45
CA SER A 198 0.17 -11.67 43.56
C SER A 198 1.63 -11.39 43.89
N THR A 199 2.53 -12.35 43.70
CA THR A 199 3.95 -12.12 43.93
C THR A 199 4.71 -11.79 42.65
N PHE A 200 4.12 -12.06 41.49
CA PHE A 200 4.69 -11.90 40.14
C PHE A 200 5.84 -12.86 39.86
N GLU A 201 6.07 -13.84 40.73
CA GLU A 201 7.14 -14.82 40.51
C GLU A 201 6.86 -15.64 39.24
N THR A 202 7.91 -15.80 38.42
CA THR A 202 7.89 -16.69 37.26
C THR A 202 8.89 -17.80 37.53
N LEU A 203 8.45 -18.81 38.27
CA LEU A 203 9.35 -19.86 38.71
C LEU A 203 9.54 -20.98 37.69
N TYR A 204 8.82 -20.96 36.57
CA TYR A 204 8.86 -22.04 35.59
C TYR A 204 9.33 -21.46 34.26
N THR A 205 10.65 -21.51 34.01
CA THR A 205 11.24 -20.92 32.81
C THR A 205 12.06 -21.91 32.00
N ASP A 206 11.95 -23.20 32.25
CA ASP A 206 12.73 -24.19 31.52
C ASP A 206 11.96 -24.84 30.37
N THR A 207 10.72 -24.45 30.14
CA THR A 207 9.86 -25.15 29.19
C THR A 207 9.10 -24.15 28.33
N THR A 208 9.11 -24.37 27.02
CA THR A 208 8.17 -23.69 26.14
C THR A 208 6.81 -24.35 26.25
N PHE A 209 5.77 -23.57 26.53
CA PHE A 209 4.39 -24.05 26.62
C PHE A 209 3.56 -23.49 25.48
N VAL A 210 2.88 -24.36 24.74
CA VAL A 210 1.84 -23.92 23.81
C VAL A 210 0.63 -24.82 24.01
N ALA A 211 -0.49 -24.21 24.41
CA ALA A 211 -1.75 -24.94 24.55
C ALA A 211 -2.53 -24.87 23.24
N VAL A 212 -3.09 -26.01 22.83
CA VAL A 212 -3.75 -26.13 21.52
C VAL A 212 -5.19 -26.60 21.74
N TYR A 213 -6.13 -25.89 21.11
CA TYR A 213 -7.57 -26.14 21.22
C TYR A 213 -8.17 -26.34 19.84
N SER A 214 -9.32 -27.02 19.80
CA SER A 214 -10.08 -27.13 18.57
C SER A 214 -11.02 -25.94 18.44
N TYR A 215 -11.09 -25.37 17.25
CA TYR A 215 -12.11 -24.37 16.97
C TYR A 215 -13.28 -25.05 16.24
N PRO A 216 -14.54 -24.71 16.54
CA PRO A 216 -15.07 -23.62 17.38
C PRO A 216 -15.37 -23.96 18.83
N ASP A 217 -15.32 -25.23 19.22
CA ASP A 217 -15.82 -25.64 20.52
C ASP A 217 -14.82 -25.46 21.65
N MET A 218 -13.56 -25.16 21.33
CA MET A 218 -12.50 -24.96 22.32
C MET A 218 -12.27 -26.20 23.20
N GLN A 219 -12.52 -27.39 22.67
CA GLN A 219 -12.06 -28.59 23.37
C GLN A 219 -10.55 -28.60 23.37
N PHE A 220 -9.99 -29.11 24.46
CA PHE A 220 -8.53 -29.15 24.57
C PHE A 220 -7.97 -30.26 23.69
N LYS A 221 -6.90 -29.95 22.96
CA LYS A 221 -6.27 -30.89 22.05
C LYS A 221 -4.92 -31.41 22.56
N THR A 222 -3.97 -30.51 22.89
CA THR A 222 -2.72 -30.96 23.49
C THR A 222 -2.00 -29.79 24.13
N LEU A 223 -1.15 -30.11 25.10
CA LEU A 223 -0.24 -29.16 25.70
C LEU A 223 1.15 -29.44 25.12
N MET A 224 1.58 -28.60 24.18
CA MET A 224 2.90 -28.75 23.60
C MET A 224 3.95 -28.23 24.59
N LYS A 225 5.02 -29.00 24.75
CA LYS A 225 6.16 -28.63 25.59
C LYS A 225 7.45 -28.83 24.82
N ASP A 226 8.43 -27.98 25.08
CA ASP A 226 9.76 -28.10 24.47
C ASP A 226 10.78 -27.60 25.49
N THR A 227 11.95 -28.24 25.52
CA THR A 227 12.97 -27.87 26.51
C THR A 227 14.19 -27.21 25.89
N ARG A 228 14.16 -26.87 24.61
CA ARG A 228 15.31 -26.21 24.00
C ARG A 228 15.41 -24.74 24.40
N THR A 229 14.32 -24.14 24.84
CA THR A 229 14.32 -22.76 25.31
C THR A 229 13.23 -22.62 26.36
N GLY A 230 12.93 -21.38 26.73
CA GLY A 230 11.99 -21.11 27.81
C GLY A 230 10.59 -20.84 27.28
N PRO A 231 9.75 -20.25 28.12
CA PRO A 231 8.38 -19.93 27.69
C PRO A 231 8.40 -18.93 26.55
N ALA A 232 7.32 -18.92 25.77
CA ALA A 232 7.22 -18.05 24.61
C ALA A 232 6.63 -16.70 25.02
N GLY A 233 7.28 -15.63 24.59
CA GLY A 233 6.74 -14.29 24.81
C GLY A 233 7.02 -13.74 26.20
N SER A 234 6.53 -12.53 26.44
CA SER A 234 6.73 -11.88 27.74
C SER A 234 5.48 -11.07 28.06
N TRP A 235 5.46 -10.55 29.29
CA TRP A 235 4.24 -10.00 29.88
C TRP A 235 3.57 -8.97 28.99
N ASN A 236 2.30 -9.23 28.67
CA ASN A 236 1.42 -8.35 27.87
C ASN A 236 2.10 -7.77 26.62
N ALA A 237 2.96 -8.56 25.99
CA ALA A 237 3.77 -8.07 24.87
C ALA A 237 3.37 -8.68 23.53
N PHE A 238 2.42 -9.63 23.53
CA PHE A 238 1.83 -10.13 22.28
C PHE A 238 2.90 -10.62 21.31
N ASN A 239 3.98 -11.17 21.87
CA ASN A 239 5.18 -11.47 21.11
C ASN A 239 5.55 -12.94 21.18
N GLY A 240 4.60 -13.80 21.56
CA GLY A 240 4.92 -15.21 21.73
C GLY A 240 4.89 -16.04 20.48
N ILE A 241 4.07 -15.67 19.49
CA ILE A 241 3.85 -16.55 18.34
C ILE A 241 3.46 -15.71 17.14
N PHE A 242 3.91 -16.11 15.95
CA PHE A 242 3.48 -15.45 14.72
C PHE A 242 3.49 -16.44 13.55
N LYS A 243 2.67 -16.12 12.55
CA LYS A 243 2.54 -16.95 11.35
C LYS A 243 3.34 -16.35 10.18
N VAL A 244 3.88 -17.23 9.33
CA VAL A 244 4.62 -16.78 8.14
C VAL A 244 3.87 -17.22 6.89
N GLU A 245 4.39 -16.87 5.70
CA GLU A 245 3.65 -17.03 4.45
C GLU A 245 3.23 -18.46 4.20
N SER A 246 4.05 -19.43 4.60
CA SER A 246 3.73 -20.82 4.38
C SER A 246 2.58 -21.31 5.24
N GLY A 247 2.18 -20.56 6.26
CA GLY A 247 1.26 -21.06 7.26
C GLY A 247 1.93 -21.65 8.47
N ASP A 248 3.24 -21.90 8.43
CA ASP A 248 3.96 -22.30 9.63
C ASP A 248 3.91 -21.18 10.67
N MET A 249 4.06 -21.56 11.92
CA MET A 249 4.15 -20.62 13.04
C MET A 249 5.52 -20.69 13.71
N TYR A 250 5.99 -19.54 14.18
CA TYR A 250 7.20 -19.49 14.99
C TYR A 250 6.86 -18.97 16.38
N ILE A 251 7.56 -19.49 17.39
CA ILE A 251 7.49 -18.90 18.72
C ILE A 251 8.82 -18.21 18.99
N MET A 252 8.76 -17.20 19.86
CA MET A 252 9.93 -16.45 20.33
C MET A 252 9.95 -16.56 21.84
N SER A 253 11.04 -17.10 22.39
CA SER A 253 11.28 -17.11 23.82
C SER A 253 12.36 -16.10 24.15
N ASN A 254 12.10 -15.19 25.09
CA ASN A 254 13.20 -14.35 25.55
C ASN A 254 13.58 -14.55 27.01
N SER A 255 12.66 -15.05 27.85
CA SER A 255 12.88 -15.16 29.30
C SER A 255 13.53 -13.90 29.83
N ALA A 256 13.06 -12.72 29.41
CA ALA A 256 13.77 -11.48 29.69
C ALA A 256 13.27 -10.84 30.99
N ILE A 257 14.16 -10.71 31.97
CA ILE A 257 13.82 -10.00 33.20
C ILE A 257 13.39 -8.56 32.89
N ALA A 258 14.08 -7.92 31.94
CA ALA A 258 13.73 -6.56 31.56
C ALA A 258 12.31 -6.47 30.97
N ASN A 259 11.76 -7.57 30.47
CA ASN A 259 10.39 -7.58 29.97
C ASN A 259 9.42 -8.31 30.92
N GLY A 260 9.84 -8.60 32.14
CA GLY A 260 8.91 -8.95 33.19
C GLY A 260 9.17 -10.23 33.95
N PHE A 261 10.01 -11.13 33.42
CA PHE A 261 10.30 -12.36 34.13
C PHE A 261 11.07 -12.08 35.43
N SER A 262 10.90 -12.96 36.40
CA SER A 262 11.66 -12.86 37.64
C SER A 262 12.98 -13.59 37.57
N GLN A 263 13.16 -14.45 36.57
CA GLN A 263 14.36 -15.26 36.46
C GLN A 263 14.54 -15.61 35.00
N SER A 264 15.77 -16.01 34.65
CA SER A 264 16.05 -16.49 33.31
C SER A 264 16.95 -17.70 33.41
N THR A 265 16.60 -18.78 32.70
CA THR A 265 17.37 -20.02 32.78
C THR A 265 17.78 -20.60 31.44
N LYS A 266 17.19 -20.15 30.31
CA LYS A 266 17.50 -20.72 29.02
C LYS A 266 17.63 -19.63 27.98
N ASN A 267 18.52 -19.85 27.01
CA ASN A 267 18.84 -18.82 26.02
C ASN A 267 17.61 -18.45 25.20
N ALA A 268 17.46 -17.15 24.94
CA ALA A 268 16.42 -16.69 24.00
C ALA A 268 16.58 -17.38 22.64
N ALA A 269 15.45 -17.71 22.02
CA ALA A 269 15.47 -18.58 20.86
C ALA A 269 14.14 -18.54 20.14
N PHE A 270 14.15 -18.98 18.88
CA PHE A 270 12.93 -19.26 18.12
C PHE A 270 12.78 -20.76 17.88
N LEU A 271 11.54 -21.26 17.99
CA LEU A 271 11.15 -22.60 17.56
C LEU A 271 10.07 -22.47 16.47
N ARG A 272 9.73 -23.60 15.83
CA ARG A 272 8.74 -23.59 14.76
C ARG A 272 7.72 -24.70 14.94
N ILE A 273 6.46 -24.39 14.66
CA ILE A 273 5.36 -25.35 14.62
C ILE A 273 4.89 -25.44 13.19
N PRO A 274 4.97 -26.60 12.55
CA PRO A 274 4.48 -26.75 11.17
C PRO A 274 3.00 -26.44 11.08
N LYS A 275 2.60 -25.84 9.96
CA LYS A 275 1.22 -25.47 9.67
C LYS A 275 0.23 -26.53 10.11
N GLY A 276 -0.68 -26.16 11.01
CA GLY A 276 -1.77 -27.02 11.44
C GLY A 276 -1.38 -28.22 12.28
N GLU A 277 -0.12 -28.34 12.68
CA GLU A 277 0.35 -29.49 13.44
C GLU A 277 0.49 -29.11 14.91
N THR A 278 0.82 -30.11 15.75
CA THR A 278 0.82 -29.89 17.19
C THR A 278 2.11 -30.41 17.83
N HIS A 279 3.23 -30.27 17.12
CA HIS A 279 4.55 -30.56 17.65
C HIS A 279 5.52 -29.49 17.17
N PHE A 280 6.59 -29.29 17.93
CA PHE A 280 7.71 -28.49 17.44
C PHE A 280 8.58 -29.36 16.55
N ASP A 281 9.08 -28.78 15.48
CA ASP A 281 9.93 -29.53 14.56
C ASP A 281 11.41 -29.32 14.93
N ASP A 282 12.31 -29.55 13.97
CA ASP A 282 13.74 -29.51 14.24
C ASP A 282 14.33 -28.12 14.19
N TYR A 283 13.57 -27.11 13.78
CA TYR A 283 14.09 -25.76 13.73
C TYR A 283 14.47 -25.30 15.13
N TYR A 284 15.64 -24.66 15.23
CA TYR A 284 16.08 -24.03 16.47
C TYR A 284 17.06 -22.93 16.12
N PHE A 285 16.79 -21.72 16.62
CA PHE A 285 17.59 -20.53 16.35
C PHE A 285 17.99 -19.97 17.71
N ASP A 286 19.25 -20.18 18.09
CA ASP A 286 19.79 -19.67 19.36
C ASP A 286 20.09 -18.18 19.18
N PHE A 287 19.06 -17.36 19.36
CA PHE A 287 19.22 -15.91 19.20
C PHE A 287 20.24 -15.37 20.19
N GLU A 288 20.16 -15.83 21.44
CA GLU A 288 20.97 -15.19 22.47
C GLU A 288 22.45 -15.32 22.17
N THR A 289 22.90 -16.47 21.68
CA THR A 289 24.34 -16.55 21.39
C THR A 289 24.70 -15.81 20.09
N VAL A 290 23.84 -15.88 19.06
CA VAL A 290 24.15 -15.21 17.79
C VAL A 290 24.24 -13.70 17.99
N SER A 291 23.40 -13.15 18.86
CA SER A 291 23.40 -11.72 19.14
C SER A 291 24.51 -11.29 20.09
N GLY A 292 25.34 -12.23 20.55
CA GLY A 292 26.34 -11.91 21.55
C GLY A 292 25.80 -11.74 22.95
N GLY A 293 24.76 -12.48 23.31
CA GLY A 293 24.24 -12.48 24.67
C GLY A 293 23.02 -11.63 24.94
N LEU A 294 22.28 -11.21 23.91
CA LEU A 294 21.15 -10.32 24.08
C LEU A 294 19.83 -11.04 23.90
N LYS A 295 18.76 -10.37 24.33
CA LYS A 295 17.43 -10.93 24.32
C LYS A 295 16.49 -10.03 23.54
N PRO A 296 15.69 -10.57 22.62
CA PRO A 296 14.71 -9.73 21.94
C PRO A 296 13.66 -9.28 22.92
N ALA A 297 13.16 -8.06 22.69
CA ALA A 297 12.05 -7.51 23.45
C ALA A 297 10.75 -7.49 22.66
N HIS A 298 10.77 -6.96 21.44
CA HIS A 298 9.58 -6.84 20.63
C HIS A 298 9.90 -7.27 19.21
N ILE A 299 8.94 -7.91 18.54
CA ILE A 299 9.18 -8.49 17.21
C ILE A 299 7.99 -8.24 16.29
N LYS A 300 8.29 -8.07 15.00
CA LYS A 300 7.27 -7.94 13.97
C LYS A 300 7.75 -8.70 12.75
N TYR A 301 6.96 -9.66 12.28
CA TYR A 301 7.35 -10.37 11.07
C TYR A 301 7.20 -9.44 9.85
N ILE A 302 8.25 -9.35 9.05
CA ILE A 302 8.26 -8.48 7.88
C ILE A 302 7.80 -9.23 6.64
N GLY A 303 8.23 -10.48 6.50
CA GLY A 303 8.00 -11.23 5.28
C GLY A 303 9.30 -11.81 4.79
N ASN A 304 9.23 -12.90 4.02
CA ASN A 304 10.41 -13.50 3.40
C ASN A 304 11.43 -13.95 4.45
N GLY A 305 10.95 -14.38 5.61
CA GLY A 305 11.80 -14.91 6.64
C GLY A 305 12.41 -13.87 7.55
N LEU A 306 12.13 -12.57 7.33
CA LEU A 306 12.75 -11.50 8.10
C LEU A 306 11.84 -11.01 9.21
N VAL A 307 12.43 -10.71 10.36
CA VAL A 307 11.72 -10.18 11.53
C VAL A 307 12.36 -8.86 11.91
N PHE A 308 11.55 -7.83 12.13
CA PHE A 308 12.05 -6.58 12.69
C PHE A 308 11.93 -6.64 14.22
N ALA A 309 13.02 -6.29 14.91
CA ALA A 309 13.02 -6.48 16.36
C ALA A 309 13.66 -5.31 17.09
N GLU A 310 13.10 -4.99 18.26
CA GLU A 310 13.81 -4.25 19.28
C GLU A 310 14.48 -5.26 20.19
N VAL A 311 15.77 -5.09 20.42
CA VAL A 311 16.62 -6.05 21.13
C VAL A 311 17.29 -5.32 22.30
N SER A 312 17.16 -5.87 23.50
CA SER A 312 17.79 -5.23 24.67
C SER A 312 19.31 -5.26 24.55
N THR A 313 19.94 -4.12 24.85
CA THR A 313 21.41 -4.11 24.87
C THR A 313 21.98 -4.44 26.25
N ILE A 314 21.15 -4.74 27.23
CA ILE A 314 21.61 -5.02 28.58
C ILE A 314 22.00 -6.48 28.71
N SER A 315 23.21 -6.72 29.17
CA SER A 315 23.65 -8.09 29.29
C SER A 315 24.72 -8.19 30.38
N PRO A 316 24.46 -8.95 31.44
CA PRO A 316 23.22 -9.70 31.69
C PRO A 316 22.12 -8.81 32.23
N GLN A 317 20.85 -9.10 31.93
CA GLN A 317 19.75 -8.45 32.63
C GLN A 317 19.66 -8.98 34.05
N THR A 318 19.40 -8.09 35.00
CA THR A 318 19.30 -8.50 36.40
C THR A 318 17.98 -8.00 36.98
N SER A 319 17.74 -8.31 38.25
CA SER A 319 16.53 -7.85 38.91
C SER A 319 16.39 -6.34 38.87
N ALA A 320 17.51 -5.61 38.85
CA ALA A 320 17.42 -4.16 38.77
C ALA A 320 16.83 -3.68 37.45
N ASP A 321 16.83 -4.51 36.42
CA ASP A 321 16.25 -4.12 35.13
C ASP A 321 14.77 -4.48 35.00
N ARG A 322 14.19 -5.17 35.98
CA ARG A 322 12.92 -5.84 35.75
C ARG A 322 11.81 -4.86 35.37
N TRP A 323 11.06 -5.21 34.31
CA TRP A 323 9.97 -4.43 33.71
C TRP A 323 10.42 -3.19 32.93
N GLY A 324 11.69 -2.80 33.05
CA GLY A 324 12.09 -1.49 32.53
C GLY A 324 12.06 -1.38 31.02
N ASP A 325 12.33 -2.49 30.32
CA ASP A 325 12.40 -2.51 28.85
C ASP A 325 13.30 -1.37 28.31
N LYS A 326 14.42 -1.13 29.00
CA LYS A 326 15.32 -0.03 28.71
C LYS A 326 16.38 -0.38 27.67
N SER A 327 16.88 0.66 26.98
CA SER A 327 18.13 0.60 26.22
C SER A 327 18.08 -0.46 25.12
N LEU A 328 17.10 -0.29 24.23
CA LEU A 328 16.90 -1.21 23.13
C LEU A 328 17.56 -0.68 21.86
N LYS A 329 18.05 -1.59 21.05
CA LYS A 329 18.45 -1.27 19.69
C LYS A 329 17.50 -1.95 18.71
N CYS A 330 17.61 -1.59 17.44
CA CYS A 330 16.77 -2.20 16.41
C CYS A 330 17.63 -3.08 15.53
N CYS A 331 17.08 -4.24 15.15
CA CYS A 331 17.80 -5.25 14.39
C CYS A 331 16.87 -5.86 13.35
N ILE A 332 17.47 -6.44 12.31
CA ILE A 332 16.80 -7.37 11.41
C ILE A 332 17.23 -8.77 11.78
N ILE A 333 16.25 -9.63 12.04
CA ILE A 333 16.47 -11.05 12.34
C ILE A 333 16.05 -11.85 11.10
N ASP A 334 16.96 -12.67 10.60
CA ASP A 334 16.68 -13.50 9.43
C ASP A 334 16.47 -14.94 9.91
N LEU A 335 15.22 -15.41 9.85
CA LEU A 335 14.91 -16.74 10.38
C LEU A 335 15.48 -17.85 9.49
N ASN A 336 15.57 -17.60 8.19
CA ASN A 336 16.08 -18.60 7.26
C ASN A 336 17.57 -18.85 7.49
N ASN A 337 18.35 -17.78 7.60
CA ASN A 337 19.78 -17.89 7.75
C ASN A 337 20.24 -17.86 9.21
N LYS A 338 19.31 -17.63 10.14
CA LYS A 338 19.61 -17.55 11.58
C LYS A 338 20.69 -16.49 11.85
N THR A 339 20.45 -15.27 11.38
CA THR A 339 21.39 -14.17 11.60
C THR A 339 20.68 -12.99 12.24
N VAL A 340 21.47 -12.08 12.80
CA VAL A 340 21.01 -10.85 13.42
C VAL A 340 21.89 -9.72 12.90
N ARG A 341 21.27 -8.67 12.38
CA ARG A 341 22.00 -7.50 11.86
C ARG A 341 21.49 -6.23 12.53
N ASP A 342 22.41 -5.46 13.10
CA ASP A 342 22.04 -4.20 13.74
C ASP A 342 21.71 -3.14 12.71
N ILE A 343 20.66 -2.38 12.98
CA ILE A 343 20.32 -1.19 12.20
C ILE A 343 21.03 -0.03 12.87
N LYS A 344 22.22 0.32 12.36
CA LYS A 344 23.12 1.19 13.09
C LYS A 344 22.67 2.64 13.13
N GLU A 345 21.74 3.04 12.26
CA GLU A 345 21.31 4.43 12.24
C GLU A 345 20.23 4.75 13.26
N ILE A 346 19.64 3.76 13.91
CA ILE A 346 18.59 3.98 14.91
C ILE A 346 19.23 4.07 16.29
N PRO A 347 19.06 5.17 17.03
CA PRO A 347 19.74 5.29 18.32
C PRO A 347 19.16 4.31 19.34
N VAL A 348 20.01 3.90 20.28
CA VAL A 348 19.52 3.14 21.43
C VAL A 348 18.45 3.97 22.14
N HIS A 349 17.37 3.31 22.56
CA HIS A 349 16.20 4.00 23.07
C HIS A 349 15.41 3.05 23.97
N ASN A 350 14.63 3.64 24.88
CA ASN A 350 13.81 2.84 25.78
C ASN A 350 12.54 2.35 25.09
N GLY A 351 12.14 1.11 25.38
CA GLY A 351 10.94 0.54 24.79
C GLY A 351 9.65 0.99 25.45
N ASP A 352 8.54 0.58 24.83
CA ASP A 352 7.19 0.88 25.33
C ASP A 352 6.66 -0.18 26.29
N GLY A 353 7.46 -1.19 26.64
CA GLY A 353 7.03 -2.15 27.66
C GLY A 353 6.00 -3.12 27.14
N GLY A 354 5.16 -3.60 28.06
CA GLY A 354 4.16 -4.59 27.75
C GLY A 354 2.97 -4.04 26.99
N ARG A 355 3.14 -3.86 25.69
CA ARG A 355 2.02 -3.60 24.79
C ARG A 355 2.46 -4.01 23.40
N ARG A 356 1.51 -3.95 22.45
CA ARG A 356 1.82 -4.36 21.09
C ARG A 356 2.90 -3.47 20.48
N PHE A 357 3.69 -4.06 19.58
CA PHE A 357 4.85 -3.42 18.97
C PHE A 357 4.37 -2.50 17.86
N ALA A 358 4.56 -1.19 18.03
CA ALA A 358 4.08 -0.21 17.06
C ALA A 358 5.10 -0.05 15.94
N ALA A 359 5.03 -0.98 14.99
CA ALA A 359 5.90 -0.98 13.83
C ALA A 359 5.06 -1.31 12.61
N LEU A 360 5.31 -0.62 11.50
CA LEU A 360 4.48 -0.69 10.30
C LEU A 360 5.28 -1.26 9.15
N VAL A 361 4.84 -2.40 8.61
CA VAL A 361 5.43 -2.94 7.39
C VAL A 361 4.67 -2.31 6.22
N ASP A 362 5.39 -1.60 5.36
CA ASP A 362 4.72 -0.82 4.31
C ASP A 362 5.64 -0.62 3.13
N GLY A 363 5.17 -1.00 1.94
CA GLY A 363 5.91 -0.75 0.73
C GLY A 363 7.31 -1.34 0.75
N GLY A 364 7.48 -2.51 1.39
CA GLY A 364 8.77 -3.17 1.46
C GLY A 364 9.71 -2.64 2.52
N TYR A 365 9.32 -1.60 3.24
CA TYR A 365 10.08 -1.05 4.36
C TYR A 365 9.38 -1.41 5.66
N VAL A 366 10.09 -1.24 6.77
CA VAL A 366 9.46 -1.22 8.09
C VAL A 366 9.67 0.17 8.67
N TYR A 367 8.59 0.75 9.18
CA TYR A 367 8.64 2.08 9.80
C TYR A 367 8.47 1.95 11.30
N ARG A 368 9.33 2.64 12.06
CA ARG A 368 9.28 2.49 13.51
C ARG A 368 9.49 3.85 14.15
N PRO A 369 8.50 4.35 14.90
CA PRO A 369 8.75 5.57 15.70
C PRO A 369 9.75 5.25 16.80
N VAL A 370 10.78 6.07 16.88
CA VAL A 370 11.87 5.92 17.82
C VAL A 370 11.83 7.14 18.73
N THR A 371 11.49 6.93 19.99
CA THR A 371 11.40 7.98 21.00
C THR A 371 12.72 7.98 21.76
N ALA A 372 13.48 9.06 21.62
CA ALA A 372 14.77 9.17 22.26
C ALA A 372 14.96 10.62 22.72
N SER A 373 16.20 10.97 23.04
CA SER A 373 16.48 12.29 23.63
C SER A 373 16.15 13.43 22.68
N GLU A 374 16.29 13.22 21.37
CA GLU A 374 16.01 14.31 20.42
C GLU A 374 14.52 14.51 20.19
N GLY A 375 13.67 13.62 20.70
CA GLY A 375 12.26 13.58 20.39
C GLY A 375 11.91 12.27 19.72
N THR A 376 10.73 12.23 19.12
CA THR A 376 10.28 11.04 18.40
C THR A 376 10.32 11.28 16.91
N TYR A 377 10.98 10.37 16.18
CA TYR A 377 11.00 10.36 14.73
C TYR A 377 10.63 8.98 14.23
N ILE A 378 9.89 8.94 13.12
CA ILE A 378 9.73 7.72 12.34
C ILE A 378 11.03 7.42 11.62
N TYR A 379 11.53 6.20 11.76
CA TYR A 379 12.66 5.72 10.99
C TYR A 379 12.18 4.72 9.97
N GLN A 380 12.59 4.89 8.71
CA GLN A 380 12.28 3.95 7.63
C GLN A 380 13.41 2.95 7.49
N VAL A 381 13.11 1.66 7.67
CA VAL A 381 14.11 0.61 7.67
C VAL A 381 14.00 -0.18 6.38
N ASP A 382 15.13 -0.31 5.69
CA ASP A 382 15.26 -1.20 4.54
C ASP A 382 15.64 -2.57 5.09
N PRO A 383 14.74 -3.56 5.05
CA PRO A 383 15.04 -4.83 5.73
C PRO A 383 16.12 -5.64 5.06
N GLN A 384 16.26 -5.52 3.74
CA GLN A 384 17.32 -6.26 3.05
C GLN A 384 18.70 -5.73 3.40
N ALA A 385 18.85 -4.41 3.46
CA ALA A 385 20.15 -3.80 3.75
C ALA A 385 20.39 -3.60 5.24
N ALA A 386 19.35 -3.70 6.06
CA ALA A 386 19.40 -3.42 7.50
C ALA A 386 19.97 -2.03 7.78
N THR A 387 19.44 -1.06 7.07
CA THR A 387 19.83 0.34 7.21
C THR A 387 18.57 1.17 7.37
N ALA A 388 18.68 2.32 8.03
CA ALA A 388 17.52 3.15 8.26
C ALA A 388 17.79 4.57 7.82
N VAL A 389 16.68 5.25 7.50
CA VAL A 389 16.64 6.66 7.12
C VAL A 389 15.69 7.35 8.09
N ARG A 390 16.13 8.44 8.70
CA ARG A 390 15.24 9.18 9.59
C ARG A 390 14.17 9.91 8.79
N GLY A 391 12.92 9.84 9.27
CA GLY A 391 11.80 10.46 8.61
C GLY A 391 11.10 11.54 9.42
N ALA A 392 9.77 11.52 9.43
CA ALA A 392 8.98 12.58 10.05
C ALA A 392 9.20 12.64 11.55
N LYS A 393 9.15 13.86 12.08
CA LYS A 393 9.10 14.04 13.52
C LYS A 393 7.66 13.85 13.98
N VAL A 394 7.49 13.35 15.21
CA VAL A 394 6.17 13.08 15.78
C VAL A 394 6.07 13.80 17.12
N SER A 395 5.13 14.74 17.23
CA SER A 395 4.92 15.45 18.48
C SER A 395 4.02 14.60 19.36
N THR A 396 4.62 13.83 20.26
CA THR A 396 3.86 12.90 21.10
C THR A 396 4.73 12.52 22.29
N THR A 397 4.11 11.87 23.27
CA THR A 397 4.93 11.22 24.30
C THR A 397 5.44 9.88 23.78
N PHE A 398 4.54 9.06 23.25
CA PHE A 398 4.91 7.81 22.62
C PHE A 398 3.87 7.51 21.55
N VAL A 399 4.16 6.52 20.71
CA VAL A 399 3.20 6.08 19.70
C VAL A 399 2.61 4.75 20.15
N GLY A 400 1.29 4.72 20.28
CA GLY A 400 0.59 3.55 20.75
C GLY A 400 0.03 2.65 19.67
N GLY A 401 0.16 3.04 18.40
CA GLY A 401 -0.29 2.22 17.29
C GLY A 401 0.06 2.88 15.98
N PHE A 402 0.32 2.08 14.95
CA PHE A 402 0.93 2.61 13.73
C PHE A 402 0.49 1.72 12.58
N PHE A 403 -0.34 2.25 11.66
CA PHE A 403 -1.05 1.44 10.68
C PHE A 403 -1.14 2.18 9.36
N ARG A 404 -1.42 1.41 8.30
CA ARG A 404 -1.89 1.95 7.04
C ARG A 404 -3.32 1.47 6.87
N LEU A 405 -4.25 2.43 6.71
CA LEU A 405 -5.67 2.13 6.57
C LEU A 405 -6.13 2.67 5.23
N ASP A 406 -6.48 1.77 4.31
CA ASP A 406 -7.07 2.14 3.04
C ASP A 406 -8.60 2.14 3.14
N LEU A 407 -9.24 2.69 2.10
CA LEU A 407 -10.68 2.57 1.96
C LEU A 407 -11.03 1.19 1.44
N GLU A 408 -11.91 0.50 2.16
CA GLU A 408 -12.33 -0.87 1.79
C GLU A 408 -13.07 -0.88 0.46
N GLU B 31 -16.81 -19.19 -28.10
CA GLU B 31 -15.74 -19.02 -27.12
C GLU B 31 -16.05 -17.86 -26.18
N GLU B 32 -17.00 -17.00 -26.58
CA GLU B 32 -17.38 -15.86 -25.76
C GLU B 32 -18.13 -16.31 -24.52
N THR B 33 -17.68 -15.83 -23.35
CA THR B 33 -18.31 -16.18 -22.08
C THR B 33 -19.14 -15.01 -21.59
N PRO B 34 -20.45 -15.16 -21.40
CA PRO B 34 -21.26 -14.03 -20.92
C PRO B 34 -20.82 -13.57 -19.54
N PHE B 35 -20.88 -12.26 -19.32
CA PHE B 35 -20.56 -11.63 -18.04
C PHE B 35 -19.11 -11.85 -17.60
N ALA B 36 -18.25 -12.32 -18.49
CA ALA B 36 -16.82 -12.35 -18.23
C ALA B 36 -16.36 -10.91 -17.96
N PRO B 37 -15.88 -10.61 -16.75
CA PRO B 37 -15.71 -9.20 -16.37
C PRO B 37 -14.64 -8.45 -17.16
N TYR B 38 -13.57 -9.10 -17.58
CA TYR B 38 -12.40 -8.41 -18.10
C TYR B 38 -12.50 -8.19 -19.60
N VAL B 39 -12.04 -7.02 -20.05
CA VAL B 39 -12.01 -6.66 -21.47
C VAL B 39 -10.58 -6.41 -21.88
N LEU B 40 -10.19 -6.96 -23.04
CA LEU B 40 -8.87 -6.72 -23.59
C LEU B 40 -9.02 -6.43 -25.08
N SER B 41 -8.60 -5.24 -25.50
CA SER B 41 -8.53 -4.92 -26.93
C SER B 41 -7.21 -5.49 -27.46
N LEU B 42 -7.32 -6.48 -28.33
CA LEU B 42 -6.14 -7.14 -28.88
C LEU B 42 -5.77 -6.46 -30.20
N GLY B 43 -4.67 -5.73 -30.19
CA GLY B 43 -4.12 -5.19 -31.42
C GLY B 43 -3.35 -6.28 -32.13
N ILE B 44 -3.83 -6.70 -33.29
CA ILE B 44 -3.27 -7.85 -33.99
C ILE B 44 -2.79 -7.39 -35.35
N ASN B 45 -1.49 -7.56 -35.61
CA ASN B 45 -0.90 -7.16 -36.88
C ASN B 45 -1.11 -8.27 -37.91
N SER B 46 -1.73 -7.93 -39.02
CA SER B 46 -1.99 -8.92 -40.06
C SER B 46 -2.07 -8.19 -41.38
N ASN B 47 -1.37 -8.73 -42.39
CA ASN B 47 -1.43 -8.19 -43.73
C ASN B 47 -1.05 -6.70 -43.75
N GLY B 48 -0.07 -6.35 -42.92
CA GLY B 48 0.48 -5.01 -42.88
C GLY B 48 -0.35 -3.99 -42.13
N THR B 49 -1.47 -4.37 -41.53
CA THR B 49 -2.36 -3.45 -40.85
C THR B 49 -2.69 -3.98 -39.47
N THR B 50 -2.73 -3.09 -38.49
CA THR B 50 -3.18 -3.47 -37.15
C THR B 50 -4.70 -3.47 -37.11
N THR B 51 -5.28 -4.58 -36.64
CA THR B 51 -6.72 -4.71 -36.45
C THR B 51 -6.97 -4.98 -34.97
N TYR B 52 -7.95 -4.28 -34.40
CA TYR B 52 -8.29 -4.40 -32.98
C TYR B 52 -9.45 -5.37 -32.81
N TYR B 53 -9.31 -6.29 -31.84
CA TYR B 53 -10.35 -7.25 -31.50
C TYR B 53 -10.64 -7.11 -30.01
N VAL B 54 -11.80 -6.55 -29.68
CA VAL B 54 -12.16 -6.35 -28.28
C VAL B 54 -12.80 -7.64 -27.77
N VAL B 55 -12.09 -8.34 -26.87
CA VAL B 55 -12.55 -9.63 -26.36
C VAL B 55 -12.78 -9.56 -24.86
N THR B 56 -13.21 -10.67 -24.29
CA THR B 56 -13.37 -10.77 -22.84
C THR B 56 -12.72 -12.06 -22.34
N ALA B 57 -12.45 -12.08 -21.05
CA ALA B 57 -11.79 -13.20 -20.39
C ALA B 57 -12.38 -13.37 -19.01
N PRO B 58 -12.89 -14.55 -18.66
CA PRO B 58 -13.46 -14.74 -17.32
C PRO B 58 -12.44 -14.65 -16.22
N GLU B 59 -11.19 -15.00 -16.49
CA GLU B 59 -10.13 -14.94 -15.49
C GLU B 59 -8.90 -14.34 -16.15
N LEU B 60 -7.78 -14.31 -15.42
CA LEU B 60 -6.54 -13.75 -15.93
C LEU B 60 -5.30 -14.57 -15.64
N MET B 61 -5.38 -15.65 -14.88
CA MET B 61 -4.18 -16.26 -14.33
C MET B 61 -3.81 -17.60 -14.94
N SER B 62 -4.61 -18.11 -15.88
CA SER B 62 -4.28 -19.37 -16.54
C SER B 62 -5.05 -19.43 -17.85
N GLY B 63 -4.68 -20.39 -18.68
CA GLY B 63 -5.29 -20.48 -19.99
C GLY B 63 -4.71 -19.44 -20.92
N THR B 64 -5.44 -19.19 -22.01
CA THR B 64 -4.98 -18.29 -23.06
C THR B 64 -6.10 -17.36 -23.48
N ILE B 65 -5.78 -16.09 -23.64
CA ILE B 65 -6.73 -15.08 -24.10
C ILE B 65 -6.45 -14.83 -25.57
N ASN B 66 -7.47 -15.01 -26.42
CA ASN B 66 -7.29 -14.82 -27.85
C ASN B 66 -8.58 -14.28 -28.46
N ALA B 67 -8.47 -13.92 -29.74
CA ALA B 67 -9.60 -13.51 -30.55
C ALA B 67 -10.05 -14.61 -31.50
N VAL B 68 -9.85 -15.87 -31.09
CA VAL B 68 -10.24 -17.03 -31.88
C VAL B 68 -11.70 -17.32 -31.57
N ALA B 69 -12.57 -17.13 -32.57
CA ALA B 69 -14.01 -17.35 -32.43
C ALA B 69 -14.62 -16.45 -31.35
N LYS B 70 -14.05 -15.27 -31.16
CA LYS B 70 -14.59 -14.25 -30.26
C LYS B 70 -13.87 -12.93 -30.51
N GLU B 73 -14.01 -7.07 -33.59
CA GLU B 73 -13.05 -6.54 -34.55
C GLU B 73 -13.27 -5.04 -34.82
N GLN B 74 -12.24 -4.23 -34.60
CA GLN B 74 -12.31 -2.79 -34.86
C GLN B 74 -11.12 -2.39 -35.71
N ASN B 75 -11.41 -1.85 -36.89
CA ASN B 75 -10.36 -1.43 -37.82
C ASN B 75 -10.17 0.08 -37.79
N GLY B 76 -9.05 0.53 -38.35
CA GLY B 76 -8.62 1.90 -38.18
C GLY B 76 -7.99 2.03 -36.81
N TYR B 77 -7.21 3.08 -36.60
CA TYR B 77 -6.54 3.26 -35.31
C TYR B 77 -7.56 3.46 -34.20
N ARG B 78 -7.27 2.88 -33.04
CA ARG B 78 -8.18 2.95 -31.91
C ARG B 78 -7.38 3.04 -30.62
N ASP B 79 -7.83 3.89 -29.71
CA ASP B 79 -7.37 3.89 -28.33
C ASP B 79 -8.60 3.90 -27.43
N TYR B 80 -8.42 3.51 -26.17
CA TYR B 80 -9.53 3.17 -25.29
C TYR B 80 -9.40 3.86 -23.95
N GLU B 81 -10.50 4.48 -23.49
CA GLU B 81 -10.61 5.05 -22.16
C GLU B 81 -11.94 4.66 -21.54
N GLN B 82 -11.91 4.32 -20.25
CA GLN B 82 -13.12 3.92 -19.53
C GLN B 82 -13.60 5.04 -18.64
N ALA B 83 -14.92 5.21 -18.57
CA ALA B 83 -15.54 6.01 -17.53
C ALA B 83 -16.83 5.37 -17.11
N GLY B 84 -16.98 5.15 -15.81
CA GLY B 84 -18.14 4.40 -15.34
C GLY B 84 -18.10 2.99 -15.89
N GLN B 85 -19.21 2.55 -16.48
CA GLN B 85 -19.25 1.27 -17.16
C GLN B 85 -19.42 1.44 -18.66
N THR B 86 -18.94 2.55 -19.18
CA THR B 86 -18.83 2.78 -20.62
C THR B 86 -17.34 2.78 -20.98
N VAL B 87 -16.98 2.02 -22.00
CA VAL B 87 -15.63 2.02 -22.56
C VAL B 87 -15.68 2.77 -23.88
N PHE B 88 -14.91 3.86 -23.98
CA PHE B 88 -14.93 4.68 -25.18
C PHE B 88 -13.86 4.18 -26.15
N SER B 89 -14.28 3.85 -27.37
CA SER B 89 -13.38 3.44 -28.44
C SER B 89 -13.13 4.67 -29.31
N ILE B 90 -11.92 5.21 -29.23
CA ILE B 90 -11.59 6.51 -29.83
C ILE B 90 -10.77 6.27 -31.09
N GLY B 91 -11.33 6.67 -32.23
CA GLY B 91 -10.68 6.47 -33.51
C GLY B 91 -9.78 7.63 -33.87
N LEU B 95 -9.76 8.14 -38.58
CA LEU B 95 -11.09 8.04 -37.97
C LEU B 95 -11.36 9.26 -37.09
N THR B 96 -12.61 9.72 -37.13
CA THR B 96 -13.01 10.96 -36.48
C THR B 96 -14.22 10.74 -35.57
N SER B 97 -14.24 9.64 -34.84
CA SER B 97 -15.43 9.26 -34.11
C SER B 97 -15.05 8.51 -32.83
N ALA B 98 -15.93 8.58 -31.84
CA ALA B 98 -15.80 7.81 -30.61
C ALA B 98 -17.11 7.10 -30.33
N THR B 99 -17.02 5.84 -29.91
CA THR B 99 -18.19 5.05 -29.58
C THR B 99 -17.97 4.33 -28.26
N GLY B 100 -19.07 3.96 -27.61
CA GLY B 100 -19.01 3.38 -26.28
C GLY B 100 -19.39 1.92 -26.17
N ILE B 101 -18.40 1.07 -25.89
CA ILE B 101 -18.63 -0.36 -25.70
C ILE B 101 -19.11 -0.61 -24.27
N VAL B 102 -20.08 -1.50 -24.13
CA VAL B 102 -20.59 -1.85 -22.80
C VAL B 102 -20.80 -3.35 -22.68
N ARG B 103 -21.37 -3.78 -21.56
CA ARG B 103 -21.90 -5.13 -21.41
C ARG B 103 -23.38 -5.12 -21.08
N ASP B 104 -24.06 -3.99 -21.24
CA ASP B 104 -25.50 -3.95 -21.00
C ASP B 104 -26.23 -4.79 -22.04
N ALA B 105 -27.55 -4.94 -21.84
CA ALA B 105 -28.42 -5.78 -22.66
C ALA B 105 -28.04 -7.25 -22.55
N ASN B 106 -28.83 -8.01 -21.77
CA ASN B 106 -28.69 -9.47 -21.61
C ASN B 106 -27.26 -9.88 -21.27
N GLY B 107 -26.47 -8.97 -20.69
CA GLY B 107 -25.08 -9.23 -20.39
C GLY B 107 -24.13 -9.01 -21.55
N ASP B 114 -22.64 7.02 -30.29
CA ASP B 114 -21.32 7.49 -30.71
C ASP B 114 -21.25 9.02 -30.80
N PHE B 115 -20.02 9.53 -30.80
CA PHE B 115 -19.74 10.97 -30.87
C PHE B 115 -18.74 11.24 -31.99
N VAL B 116 -18.93 12.36 -32.68
CA VAL B 116 -18.14 12.71 -33.86
C VAL B 116 -17.43 14.04 -33.63
N PHE B 117 -16.11 14.06 -33.83
CA PHE B 117 -15.32 15.27 -33.75
C PHE B 117 -14.76 15.60 -35.14
N ASN B 118 -13.78 16.49 -35.19
CA ASN B 118 -13.35 17.05 -36.47
C ASN B 118 -12.08 16.41 -37.02
N SER B 119 -11.09 16.12 -36.19
CA SER B 119 -9.85 15.55 -36.71
C SER B 119 -9.16 14.67 -35.67
N SER B 120 -8.97 15.19 -34.46
CA SER B 120 -8.26 14.47 -33.42
C SER B 120 -8.93 14.73 -32.08
N LEU B 121 -8.80 13.76 -31.19
CA LEU B 121 -9.20 13.92 -29.79
C LEU B 121 -7.91 14.01 -28.98
N ASN B 122 -7.35 15.22 -28.88
CA ASN B 122 -6.03 15.37 -28.25
C ASN B 122 -6.07 14.98 -26.78
N ALA B 123 -7.21 15.14 -26.10
CA ALA B 123 -7.33 14.79 -24.70
C ALA B 123 -8.77 14.38 -24.43
N PHE B 124 -8.95 13.54 -23.40
CA PHE B 124 -10.26 12.99 -23.08
C PHE B 124 -10.21 12.47 -21.66
N THR B 125 -11.04 13.03 -20.77
CA THR B 125 -10.97 12.72 -19.36
C THR B 125 -12.37 12.84 -18.76
N GLN B 126 -12.60 12.11 -17.68
CA GLN B 126 -13.90 12.18 -17.03
C GLN B 126 -14.04 13.50 -16.29
N MET B 127 -15.21 14.13 -16.42
CA MET B 127 -15.46 15.39 -15.72
C MET B 127 -16.29 15.23 -14.45
N ASP B 128 -17.35 14.43 -14.51
CA ASP B 128 -18.14 14.08 -13.33
C ASP B 128 -18.71 12.68 -13.55
N GLY B 129 -19.70 12.31 -12.73
CA GLY B 129 -20.27 10.99 -12.84
C GLY B 129 -21.03 10.74 -14.13
N GLN B 130 -21.39 11.81 -14.85
CA GLN B 130 -22.20 11.71 -16.05
C GLN B 130 -21.53 12.22 -17.32
N ASN B 131 -20.41 12.95 -17.22
CA ASN B 131 -19.87 13.66 -18.38
C ASN B 131 -18.37 13.43 -18.53
N MET B 132 -17.94 13.36 -19.79
CA MET B 132 -16.55 13.50 -20.17
C MET B 132 -16.33 14.88 -20.76
N ILE B 133 -15.08 15.30 -20.81
CA ILE B 133 -14.69 16.44 -21.63
C ILE B 133 -13.55 15.99 -22.54
N GLY B 134 -13.58 16.48 -23.76
CA GLY B 134 -12.51 16.25 -24.70
C GLY B 134 -12.06 17.54 -25.32
N LEU B 135 -10.76 17.59 -25.64
CA LEU B 135 -10.14 18.78 -26.23
C LEU B 135 -9.62 18.41 -27.62
N GLU B 136 -9.93 19.26 -28.61
CA GLU B 136 -9.49 19.03 -29.98
C GLU B 136 -8.74 20.26 -30.49
N LEU B 137 -7.48 20.05 -30.92
CA LEU B 137 -6.59 21.05 -31.48
C LEU B 137 -6.36 20.78 -32.98
N PRO B 138 -6.19 21.82 -33.79
CA PRO B 138 -5.72 21.61 -35.16
C PRO B 138 -4.34 20.95 -35.16
N ALA B 139 -4.00 20.32 -36.28
CA ALA B 139 -2.73 19.59 -36.37
C ALA B 139 -1.55 20.54 -36.47
N ASN B 140 -1.75 21.74 -37.02
CA ASN B 140 -0.71 22.74 -37.17
C ASN B 140 -1.39 24.09 -37.30
N LYS B 141 -0.58 25.15 -37.39
CA LYS B 141 -1.16 26.50 -37.42
C LYS B 141 -1.82 26.81 -38.74
N GLU B 142 -1.49 26.07 -39.81
CA GLU B 142 -2.15 26.25 -41.09
C GLU B 142 -3.53 25.61 -41.13
N SER B 143 -3.91 24.88 -40.07
CA SER B 143 -5.20 24.21 -40.02
C SER B 143 -6.21 24.92 -39.14
N GLY B 144 -5.80 25.91 -38.37
CA GLY B 144 -6.72 26.71 -37.58
C GLY B 144 -6.03 27.27 -36.34
N ASP B 145 -6.70 28.25 -35.74
CA ASP B 145 -6.22 28.83 -34.48
C ASP B 145 -7.25 28.69 -33.37
N GLN B 146 -8.28 27.88 -33.58
CA GLN B 146 -9.31 27.59 -32.60
C GLN B 146 -9.20 26.16 -32.12
N MET B 147 -9.40 25.96 -30.83
CA MET B 147 -9.58 24.62 -30.28
C MET B 147 -10.97 24.52 -29.69
N THR B 148 -11.43 23.28 -29.52
CA THR B 148 -12.79 22.99 -29.07
C THR B 148 -12.76 22.08 -27.86
N LEU B 149 -13.54 22.43 -26.83
CA LEU B 149 -13.81 21.55 -25.71
C LEU B 149 -15.19 20.94 -25.90
N TYR B 150 -15.24 19.61 -26.02
CA TYR B 150 -16.51 18.90 -26.04
C TYR B 150 -16.89 18.45 -24.63
N THR B 151 -18.20 18.46 -24.35
CA THR B 151 -18.76 17.78 -23.19
C THR B 151 -19.65 16.66 -23.69
N VAL B 152 -19.40 15.45 -23.22
CA VAL B 152 -20.06 14.24 -23.74
C VAL B 152 -20.68 13.48 -22.58
N ASN B 153 -21.96 13.12 -22.72
CA ASN B 153 -22.64 12.31 -21.71
C ASN B 153 -22.20 10.86 -21.81
N ILE B 154 -21.82 10.27 -20.66
CA ILE B 154 -21.20 8.95 -20.68
C ILE B 154 -22.21 7.88 -21.08
N SER B 155 -23.39 7.88 -20.47
CA SER B 155 -24.35 6.81 -20.71
C SER B 155 -24.91 6.89 -22.13
N ASP B 156 -25.12 8.11 -22.62
CA ASP B 156 -25.72 8.33 -23.93
C ASP B 156 -24.69 8.43 -25.06
N VAL B 157 -23.41 8.60 -24.73
CA VAL B 157 -22.35 8.86 -25.70
C VAL B 157 -22.81 9.95 -26.66
N SER B 158 -23.28 11.06 -26.10
CA SER B 158 -23.83 12.17 -26.87
C SER B 158 -23.09 13.45 -26.51
N ILE B 159 -22.78 14.24 -27.54
CA ILE B 159 -22.16 15.55 -27.33
C ILE B 159 -23.21 16.47 -26.71
N THR B 160 -23.05 16.81 -25.44
CA THR B 160 -23.99 17.69 -24.77
C THR B 160 -23.64 19.17 -24.96
N SER B 161 -22.35 19.50 -25.06
CA SER B 161 -21.92 20.88 -25.20
C SER B 161 -20.64 20.94 -26.01
N GLN B 162 -20.39 22.10 -26.62
CA GLN B 162 -19.27 22.27 -27.54
C GLN B 162 -18.91 23.75 -27.58
N VAL B 163 -17.72 24.10 -27.08
CA VAL B 163 -17.28 25.49 -26.97
C VAL B 163 -15.91 25.64 -27.62
N LYS B 164 -15.67 26.81 -28.22
CA LYS B 164 -14.41 27.14 -28.88
C LYS B 164 -13.60 28.10 -28.02
N ALA B 165 -12.28 28.04 -28.20
CA ALA B 165 -11.36 28.94 -27.52
C ALA B 165 -10.15 29.14 -28.41
N PRO B 166 -9.42 30.24 -28.25
CA PRO B 166 -8.17 30.40 -29.00
C PRO B 166 -7.13 29.41 -28.49
N VAL B 167 -6.35 28.87 -29.42
CA VAL B 167 -5.21 28.04 -29.03
C VAL B 167 -4.26 28.84 -28.14
N PHE B 168 -4.04 30.11 -28.48
CA PHE B 168 -3.14 30.95 -27.70
C PHE B 168 -3.67 31.06 -26.28
N PRO B 169 -2.81 30.93 -25.25
CA PRO B 169 -1.33 30.93 -25.30
C PRO B 169 -0.65 29.57 -25.42
N LEU B 170 -1.36 28.50 -25.75
CA LEU B 170 -0.72 27.19 -25.84
C LEU B 170 0.33 27.15 -26.92
N ASN B 171 0.20 28.00 -27.94
CA ASN B 171 1.14 28.09 -29.05
C ASN B 171 2.02 29.33 -28.95
N GLN B 172 2.31 29.80 -27.73
CA GLN B 172 3.20 30.94 -27.57
C GLN B 172 4.61 30.62 -28.07
N LEU B 173 5.13 29.44 -27.70
CA LEU B 173 6.51 29.10 -28.02
C LEU B 173 6.63 28.27 -29.30
N GLU B 174 5.72 27.34 -29.50
CA GLU B 174 5.60 26.53 -30.72
C GLU B 174 4.27 25.78 -30.59
N TRP B 175 3.91 25.06 -31.64
CA TRP B 175 2.62 24.38 -31.65
C TRP B 175 2.54 23.40 -30.49
N PRO B 176 1.45 23.39 -29.73
CA PRO B 176 1.38 22.51 -28.56
C PRO B 176 1.15 21.05 -28.94
N SER B 177 1.79 20.16 -28.19
CA SER B 177 1.52 18.73 -28.20
C SER B 177 0.93 18.37 -26.85
N ILE B 178 -0.33 17.92 -26.83
CA ILE B 178 -1.08 17.75 -25.60
C ILE B 178 -0.73 16.39 -24.98
N THR B 179 -0.48 16.40 -23.67
CA THR B 179 -0.09 15.20 -22.94
C THR B 179 -1.06 14.81 -21.84
N GLY B 180 -2.10 15.59 -21.58
CA GLY B 180 -3.07 15.21 -20.57
C GLY B 180 -4.05 16.33 -20.31
N MET B 181 -5.14 15.95 -19.63
CA MET B 181 -6.15 16.92 -19.25
C MET B 181 -6.86 16.40 -18.00
N CYS B 182 -7.33 17.33 -17.18
CA CYS B 182 -7.98 16.94 -15.95
C CYS B 182 -8.97 18.02 -15.54
N TYR B 183 -10.07 17.59 -14.93
CA TYR B 183 -11.09 18.50 -14.45
C TYR B 183 -11.05 18.53 -12.92
N SER B 184 -11.08 19.74 -12.35
CA SER B 184 -11.07 19.87 -10.90
C SER B 184 -11.84 21.13 -10.51
N GLU B 185 -13.03 20.93 -9.93
CA GLU B 185 -13.82 21.97 -9.29
C GLU B 185 -13.97 23.21 -10.18
N GLY B 186 -14.60 23.00 -11.33
CA GLY B 186 -14.86 24.08 -12.26
C GLY B 186 -13.66 24.55 -13.06
N ASN B 187 -12.51 23.90 -12.95
CA ASN B 187 -11.33 24.24 -13.73
C ASN B 187 -10.93 23.08 -14.63
N VAL B 188 -10.41 23.41 -15.81
CA VAL B 188 -9.85 22.43 -16.74
C VAL B 188 -8.35 22.66 -16.83
N TYR B 189 -7.58 21.59 -16.65
CA TYR B 189 -6.12 21.67 -16.66
C TYR B 189 -5.58 20.92 -17.86
N VAL B 190 -4.67 21.54 -18.60
CA VAL B 190 -4.13 20.97 -19.83
C VAL B 190 -2.60 20.96 -19.73
N THR B 191 -2.02 19.78 -19.82
CA THR B 191 -0.57 19.62 -19.88
C THR B 191 -0.16 19.44 -21.33
N TYR B 192 1.01 19.98 -21.69
CA TYR B 192 1.46 20.02 -23.07
C TYR B 192 2.93 20.40 -23.10
N PHE B 193 3.55 20.18 -24.27
CA PHE B 193 4.85 20.79 -24.54
C PHE B 193 4.83 21.36 -25.94
N PRO B 194 5.59 22.44 -26.19
CA PRO B 194 5.64 22.98 -27.55
C PRO B 194 6.55 22.13 -28.43
N MET B 195 6.10 21.91 -29.66
CA MET B 195 6.89 21.13 -30.61
C MET B 195 6.49 21.53 -32.01
N ASN B 196 7.45 22.03 -32.80
CA ASN B 196 7.18 22.32 -34.20
C ASN B 196 6.75 21.04 -34.90
N PRO B 197 5.64 21.05 -35.64
CA PRO B 197 5.14 19.81 -36.22
C PRO B 197 5.92 19.31 -37.43
N SER B 198 6.90 20.06 -37.93
CA SER B 198 7.72 19.58 -39.03
C SER B 198 9.09 19.10 -38.57
N THR B 199 9.69 19.78 -37.60
CA THR B 199 11.02 19.42 -37.09
C THR B 199 10.95 18.42 -35.96
N PHE B 200 9.80 18.29 -35.30
CA PHE B 200 9.59 17.51 -34.09
C PHE B 200 10.52 17.93 -32.95
N GLU B 201 11.15 19.09 -33.06
CA GLU B 201 12.05 19.52 -32.01
C GLU B 201 11.26 19.95 -30.78
N THR B 202 11.72 19.53 -29.61
CA THR B 202 11.17 19.98 -28.34
C THR B 202 12.24 20.86 -27.70
N LEU B 203 12.19 22.14 -28.04
CA LEU B 203 13.24 23.09 -27.68
C LEU B 203 13.04 23.70 -26.30
N TYR B 204 11.91 23.45 -25.65
CA TYR B 204 11.55 24.06 -24.37
C TYR B 204 11.25 22.92 -23.38
N THR B 205 12.27 22.51 -22.63
CA THR B 205 12.13 21.40 -21.69
C THR B 205 12.51 21.78 -20.26
N ASP B 206 12.58 23.07 -19.95
CA ASP B 206 13.02 23.53 -18.64
C ASP B 206 11.87 24.00 -17.76
N THR B 207 10.64 23.90 -18.25
CA THR B 207 9.48 24.45 -17.55
C THR B 207 8.33 23.47 -17.62
N THR B 208 7.66 23.24 -16.48
CA THR B 208 6.38 22.56 -16.49
C THR B 208 5.28 23.55 -16.85
N PHE B 209 4.47 23.21 -17.86
CA PHE B 209 3.36 24.05 -18.30
C PHE B 209 2.03 23.35 -17.99
N VAL B 210 1.12 24.07 -17.34
CA VAL B 210 -0.27 23.63 -17.19
C VAL B 210 -1.17 24.83 -17.45
N ALA B 211 -1.90 24.80 -18.56
CA ALA B 211 -2.86 25.86 -18.83
C ALA B 211 -4.17 25.53 -18.13
N VAL B 212 -4.76 26.54 -17.50
CA VAL B 212 -5.97 26.37 -16.70
C VAL B 212 -7.09 27.22 -17.31
N TYR B 213 -8.24 26.60 -17.52
CA TYR B 213 -9.41 27.25 -18.07
C TYR B 213 -10.60 27.03 -17.16
N SER B 214 -11.54 27.97 -17.18
CA SER B 214 -12.78 27.81 -16.46
C SER B 214 -13.78 27.02 -17.30
N TYR B 215 -14.50 26.12 -16.65
CA TYR B 215 -15.60 25.43 -17.31
C TYR B 215 -16.92 26.06 -16.87
N PRO B 216 -17.94 26.14 -17.76
CA PRO B 216 -17.98 25.73 -19.17
C PRO B 216 -17.49 26.80 -20.14
N ASP B 217 -16.96 27.90 -19.59
CA ASP B 217 -16.58 29.05 -20.41
C ASP B 217 -15.44 28.72 -21.36
N MET B 218 -14.54 27.83 -20.96
CA MET B 218 -13.25 27.64 -21.62
C MET B 218 -12.50 28.97 -21.75
N GLN B 219 -12.64 29.81 -20.74
CA GLN B 219 -11.94 31.08 -20.67
C GLN B 219 -10.61 30.88 -19.95
N PHE B 220 -9.53 31.30 -20.59
CA PHE B 220 -8.20 31.15 -20.03
C PHE B 220 -8.09 31.82 -18.66
N LYS B 221 -7.61 31.07 -17.67
CA LYS B 221 -7.42 31.64 -16.34
C LYS B 221 -5.95 31.96 -16.09
N THR B 222 -5.07 30.95 -16.06
CA THR B 222 -3.64 31.18 -15.90
C THR B 222 -2.87 30.07 -16.59
N LEU B 223 -1.62 30.38 -16.92
CA LEU B 223 -0.67 29.37 -17.38
C LEU B 223 0.26 29.09 -16.21
N MET B 224 0.08 27.94 -15.57
CA MET B 224 0.96 27.56 -14.47
C MET B 224 2.32 27.19 -15.02
N LYS B 225 3.37 27.63 -14.31
CA LYS B 225 4.73 27.35 -14.70
C LYS B 225 5.53 26.97 -13.46
N ASP B 226 6.39 25.98 -13.62
CA ASP B 226 7.27 25.54 -12.54
C ASP B 226 8.62 25.18 -13.15
N THR B 227 9.70 25.56 -12.49
CA THR B 227 11.01 25.27 -13.04
C THR B 227 11.73 24.14 -12.32
N ARG B 228 11.03 23.41 -11.43
CA ARG B 228 11.68 22.31 -10.72
C ARG B 228 11.87 21.07 -11.60
N THR B 229 11.09 20.94 -12.67
CA THR B 229 11.24 19.85 -13.63
C THR B 229 10.83 20.39 -15.00
N GLY B 230 10.78 19.49 -15.99
CA GLY B 230 10.38 19.87 -17.32
C GLY B 230 8.90 19.75 -17.60
N PRO B 231 8.56 19.68 -18.89
CA PRO B 231 7.15 19.59 -19.29
C PRO B 231 6.53 18.30 -18.76
N ALA B 232 5.22 18.33 -18.57
CA ALA B 232 4.49 17.17 -18.05
C ALA B 232 4.08 16.26 -19.20
N GLY B 233 4.28 14.95 -19.01
CA GLY B 233 3.86 13.95 -19.99
C GLY B 233 4.75 13.87 -21.21
N SER B 234 4.39 12.94 -22.11
CA SER B 234 5.16 12.75 -23.34
C SER B 234 4.20 12.52 -24.50
N TRP B 235 4.78 12.55 -25.70
CA TRP B 235 4.08 12.51 -26.97
C TRP B 235 3.00 11.44 -27.02
N ASN B 236 1.75 11.88 -27.18
CA ASN B 236 0.54 11.08 -27.25
C ASN B 236 0.50 9.96 -26.21
N ALA B 237 0.98 10.23 -25.00
CA ALA B 237 1.01 9.18 -23.99
C ALA B 237 0.04 9.41 -22.84
N PHE B 238 -0.71 10.51 -22.82
CA PHE B 238 -1.79 10.69 -21.85
C PHE B 238 -1.32 10.46 -20.42
N ASN B 239 -0.09 10.91 -20.14
CA ASN B 239 0.60 10.64 -18.89
C ASN B 239 1.07 11.92 -18.20
N GLY B 240 0.49 13.06 -18.56
CA GLY B 240 0.96 14.32 -18.00
C GLY B 240 0.33 14.65 -16.65
N ILE B 241 -0.91 14.24 -16.41
CA ILE B 241 -1.62 14.66 -15.21
C ILE B 241 -2.60 13.57 -14.77
N PHE B 242 -2.75 13.41 -13.46
CA PHE B 242 -3.74 12.47 -12.93
C PHE B 242 -4.22 12.94 -11.56
N LYS B 243 -5.44 12.54 -11.21
CA LYS B 243 -6.06 12.92 -9.95
C LYS B 243 -5.99 11.78 -8.95
N VAL B 244 -6.00 12.13 -7.65
CA VAL B 244 -5.97 11.11 -6.60
C VAL B 244 -7.23 11.23 -5.74
N GLU B 245 -7.36 10.37 -4.72
CA GLU B 245 -8.63 10.28 -3.99
C GLU B 245 -9.04 11.62 -3.40
N SER B 246 -8.08 12.38 -2.87
CA SER B 246 -8.36 13.65 -2.21
C SER B 246 -8.85 14.73 -3.17
N GLY B 247 -8.78 14.48 -4.48
CA GLY B 247 -9.03 15.53 -5.45
C GLY B 247 -7.78 16.26 -5.90
N ASP B 248 -6.66 16.09 -5.18
CA ASP B 248 -5.41 16.66 -5.65
C ASP B 248 -5.00 16.04 -6.98
N MET B 249 -4.17 16.77 -7.71
CA MET B 249 -3.64 16.33 -9.01
C MET B 249 -2.13 16.27 -8.94
N TYR B 250 -1.56 15.27 -9.61
CA TYR B 250 -0.12 15.23 -9.80
C TYR B 250 0.18 15.37 -11.29
N ILE B 251 1.30 15.99 -11.59
CA ILE B 251 1.85 15.94 -12.93
C ILE B 251 3.08 15.04 -12.86
N MET B 252 3.39 14.40 -13.99
CA MET B 252 4.58 13.59 -14.16
C MET B 252 5.37 14.18 -15.32
N SER B 253 6.62 14.54 -15.06
CA SER B 253 7.54 14.99 -16.10
C SER B 253 8.63 13.95 -16.28
N ASN B 254 8.86 13.51 -17.53
CA ASN B 254 10.00 12.65 -17.79
C ASN B 254 11.03 13.22 -18.74
N SER B 255 10.68 14.21 -19.58
CA SER B 255 11.56 14.72 -20.63
C SER B 255 12.34 13.58 -21.28
N ALA B 256 11.64 12.50 -21.62
CA ALA B 256 12.28 11.27 -22.04
C ALA B 256 12.43 11.24 -23.56
N ILE B 257 13.68 11.20 -24.03
CA ILE B 257 13.92 11.07 -25.46
C ILE B 257 13.31 9.78 -25.97
N ALA B 258 13.40 8.70 -25.17
CA ALA B 258 12.83 7.42 -25.60
C ALA B 258 11.31 7.49 -25.76
N ASN B 259 10.65 8.49 -25.17
CA ASN B 259 9.22 8.63 -25.38
C ASN B 259 8.87 9.83 -26.25
N GLY B 260 9.84 10.41 -26.96
CA GLY B 260 9.52 11.36 -27.99
C GLY B 260 10.25 12.69 -27.92
N PHE B 261 10.79 13.06 -26.76
CA PHE B 261 11.47 14.34 -26.70
C PHE B 261 12.76 14.31 -27.53
N SER B 262 13.17 15.49 -27.99
CA SER B 262 14.43 15.60 -28.71
C SER B 262 15.61 15.90 -27.79
N GLN B 263 15.35 16.27 -26.55
CA GLN B 263 16.37 16.71 -25.60
C GLN B 263 15.83 16.51 -24.20
N SER B 264 16.73 16.40 -23.23
CA SER B 264 16.35 16.26 -21.83
C SER B 264 17.25 17.16 -21.00
N THR B 265 16.64 18.10 -20.24
CA THR B 265 17.42 19.04 -19.46
C THR B 265 17.15 18.99 -17.96
N LYS B 266 16.00 18.49 -17.51
CA LYS B 266 15.62 18.49 -16.09
C LYS B 266 15.28 17.06 -15.65
N ASN B 267 15.60 16.76 -14.40
CA ASN B 267 15.31 15.43 -13.88
C ASN B 267 13.82 15.12 -13.95
N ALA B 268 13.51 13.87 -14.29
CA ALA B 268 12.12 13.40 -14.22
C ALA B 268 11.60 13.53 -12.80
N ALA B 269 10.33 13.88 -12.66
CA ALA B 269 9.81 14.18 -11.32
C ALA B 269 8.30 14.24 -11.32
N PHE B 270 7.73 14.27 -10.11
CA PHE B 270 6.32 14.56 -9.91
C PHE B 270 6.16 15.88 -9.16
N LEU B 271 5.16 16.65 -9.55
CA LEU B 271 4.72 17.85 -8.85
C LEU B 271 3.24 17.69 -8.52
N ARG B 272 2.73 18.57 -7.67
CA ARG B 272 1.37 18.41 -7.17
C ARG B 272 0.60 19.71 -7.24
N ILE B 273 -0.65 19.61 -7.66
CA ILE B 273 -1.58 20.74 -7.70
C ILE B 273 -2.71 20.45 -6.71
N PRO B 274 -2.87 21.26 -5.65
CA PRO B 274 -3.99 21.04 -4.73
C PRO B 274 -5.32 21.21 -5.44
N LYS B 275 -6.31 20.41 -5.00
CA LYS B 275 -7.61 20.38 -5.65
C LYS B 275 -8.16 21.78 -5.82
N GLY B 276 -8.65 22.08 -7.02
CA GLY B 276 -9.25 23.36 -7.32
C GLY B 276 -8.29 24.52 -7.45
N GLU B 277 -7.00 24.32 -7.19
CA GLU B 277 -6.08 25.44 -7.15
C GLU B 277 -5.39 25.63 -8.51
N THR B 278 -4.72 26.76 -8.66
CA THR B 278 -3.97 27.09 -9.87
C THR B 278 -2.51 27.37 -9.54
N HIS B 279 -2.00 26.75 -8.48
CA HIS B 279 -0.59 26.82 -8.15
C HIS B 279 -0.09 25.43 -7.79
N PHE B 280 1.20 25.21 -8.03
CA PHE B 280 1.86 24.04 -7.50
C PHE B 280 2.20 24.26 -6.03
N ASP B 281 2.13 23.19 -5.23
CA ASP B 281 2.49 23.33 -3.82
C ASP B 281 3.97 22.97 -3.63
N ASP B 282 4.37 22.70 -2.39
CA ASP B 282 5.78 22.46 -2.09
C ASP B 282 6.26 21.06 -2.45
N TYR B 283 5.35 20.18 -2.86
CA TYR B 283 5.71 18.81 -3.15
C TYR B 283 6.68 18.73 -4.33
N TYR B 284 7.70 17.87 -4.20
CA TYR B 284 8.69 17.65 -5.25
C TYR B 284 9.29 16.27 -5.07
N PHE B 285 9.08 15.38 -6.04
CA PHE B 285 9.59 14.00 -6.01
C PHE B 285 10.58 13.88 -7.16
N ASP B 286 11.87 13.94 -6.86
CA ASP B 286 12.92 13.81 -7.88
C ASP B 286 13.04 12.32 -8.20
N PHE B 287 12.19 11.86 -9.13
CA PHE B 287 12.19 10.44 -9.47
C PHE B 287 13.51 10.00 -10.09
N GLU B 288 14.11 10.84 -10.93
CA GLU B 288 15.33 10.43 -11.62
C GLU B 288 16.45 10.13 -10.62
N THR B 289 16.54 10.93 -9.55
CA THR B 289 17.56 10.67 -8.54
C THR B 289 17.23 9.42 -7.73
N VAL B 290 15.99 9.32 -7.24
CA VAL B 290 15.62 8.21 -6.37
C VAL B 290 15.73 6.89 -7.11
N SER B 291 15.42 6.89 -8.41
CA SER B 291 15.50 5.66 -9.19
C SER B 291 16.92 5.32 -9.63
N GLY B 292 17.89 6.20 -9.40
CA GLY B 292 19.25 5.94 -9.85
C GLY B 292 19.55 6.39 -11.26
N GLY B 293 18.80 7.36 -11.77
CA GLY B 293 19.04 7.91 -13.09
C GLY B 293 18.06 7.50 -14.16
N LEU B 294 16.87 7.03 -13.80
CA LEU B 294 15.91 6.54 -14.78
C LEU B 294 14.73 7.50 -14.92
N LYS B 295 13.98 7.31 -16.00
CA LYS B 295 12.81 8.12 -16.30
C LYS B 295 11.58 7.24 -16.45
N PRO B 296 10.45 7.63 -15.88
CA PRO B 296 9.21 6.87 -16.09
C PRO B 296 8.77 6.97 -17.54
N ALA B 297 8.16 5.91 -18.04
CA ALA B 297 7.57 5.95 -19.38
C ALA B 297 6.06 6.02 -19.34
N HIS B 298 5.41 5.11 -18.61
CA HIS B 298 3.95 5.08 -18.52
C HIS B 298 3.56 4.89 -17.06
N ILE B 299 2.45 5.52 -16.67
CA ILE B 299 2.05 5.51 -15.27
C ILE B 299 0.54 5.29 -15.18
N LYS B 300 0.15 4.60 -14.11
CA LYS B 300 -1.25 4.39 -13.75
C LYS B 300 -1.35 4.58 -12.25
N TYR B 301 -2.16 5.54 -11.81
CA TYR B 301 -2.40 5.67 -10.38
C TYR B 301 -3.29 4.51 -9.92
N ILE B 302 -2.83 3.77 -8.91
CA ILE B 302 -3.56 2.59 -8.47
C ILE B 302 -4.21 2.78 -7.12
N GLY B 303 -3.93 3.86 -6.40
CA GLY B 303 -4.68 4.17 -5.20
C GLY B 303 -3.79 4.27 -3.99
N ASN B 304 -4.25 4.98 -2.96
CA ASN B 304 -3.55 5.00 -1.69
C ASN B 304 -2.12 5.51 -1.83
N GLY B 305 -1.88 6.44 -2.77
CA GLY B 305 -0.57 7.01 -2.97
C GLY B 305 0.38 6.19 -3.84
N LEU B 306 -0.04 5.05 -4.37
CA LEU B 306 0.84 4.22 -5.18
C LEU B 306 0.58 4.39 -6.67
N VAL B 307 1.64 4.31 -7.46
CA VAL B 307 1.61 4.38 -8.91
C VAL B 307 2.27 3.11 -9.46
N PHE B 308 1.62 2.48 -10.42
CA PHE B 308 2.25 1.40 -11.18
C PHE B 308 2.86 1.99 -12.44
N ALA B 309 4.14 1.69 -12.69
CA ALA B 309 4.87 2.37 -13.76
C ALA B 309 5.72 1.40 -14.56
N GLU B 310 5.79 1.66 -15.85
CA GLU B 310 6.87 1.16 -16.68
C GLU B 310 7.97 2.21 -16.69
N VAL B 311 9.18 1.79 -16.35
CA VAL B 311 10.32 2.69 -16.17
C VAL B 311 11.43 2.26 -17.12
N SER B 312 12.03 3.22 -17.83
CA SER B 312 13.09 2.89 -18.76
C SER B 312 14.35 2.49 -18.02
N THR B 313 14.97 1.38 -18.43
CA THR B 313 16.27 0.99 -17.89
C THR B 313 17.43 1.62 -18.66
N ILE B 314 17.15 2.43 -19.68
CA ILE B 314 18.18 3.01 -20.54
C ILE B 314 18.67 4.29 -19.89
N SER B 315 19.98 4.37 -19.65
CA SER B 315 20.50 5.57 -19.01
C SER B 315 21.95 5.79 -19.44
N PRO B 316 22.23 6.88 -20.14
CA PRO B 316 21.31 7.92 -20.60
C PRO B 316 20.59 7.53 -21.88
N GLN B 317 19.35 7.95 -22.03
CA GLN B 317 18.68 7.83 -23.33
C GLN B 317 19.32 8.79 -24.32
N THR B 318 19.60 8.31 -25.53
CA THR B 318 20.22 9.13 -26.55
C THR B 318 19.28 9.26 -27.74
N SER B 319 19.69 10.08 -28.72
CA SER B 319 18.86 10.29 -29.89
C SER B 319 18.60 8.99 -30.64
N ALA B 320 19.52 8.01 -30.54
CA ALA B 320 19.26 6.73 -31.19
C ALA B 320 18.06 6.02 -30.59
N ASP B 321 17.73 6.33 -29.34
CA ASP B 321 16.63 5.69 -28.64
C ASP B 321 15.31 6.42 -28.82
N ARG B 322 15.30 7.54 -29.55
CA ARG B 322 14.13 8.41 -29.58
C ARG B 322 12.90 7.65 -30.09
N TRP B 323 11.78 7.84 -29.38
CA TRP B 323 10.48 7.22 -29.65
C TRP B 323 10.44 5.72 -29.36
N GLY B 324 11.60 5.07 -29.22
CA GLY B 324 11.63 3.61 -29.20
C GLY B 324 10.88 2.97 -28.05
N ASP B 325 10.85 3.65 -26.88
CA ASP B 325 10.19 3.14 -25.67
C ASP B 325 10.67 1.73 -25.31
N LYS B 326 11.97 1.50 -25.49
CA LYS B 326 12.55 0.17 -25.36
C LYS B 326 13.00 -0.13 -23.93
N SER B 327 13.06 -1.42 -23.62
CA SER B 327 13.76 -1.93 -22.43
C SER B 327 13.20 -1.33 -21.14
N LEU B 328 11.91 -1.52 -20.95
CA LEU B 328 11.22 -1.05 -19.76
C LEU B 328 11.18 -2.11 -18.68
N LYS B 329 11.22 -1.67 -17.42
CA LYS B 329 10.90 -2.53 -16.28
C LYS B 329 9.66 -1.96 -15.61
N CYS B 330 9.05 -2.76 -14.75
CA CYS B 330 7.86 -2.32 -14.03
C CYS B 330 8.22 -2.06 -12.58
N CYS B 331 7.62 -1.00 -12.02
CA CYS B 331 7.92 -0.56 -10.67
C CYS B 331 6.65 -0.16 -9.94
N ILE B 332 6.72 -0.19 -8.62
CA ILE B 332 5.73 0.41 -7.74
C ILE B 332 6.33 1.71 -7.24
N ILE B 333 5.64 2.82 -7.48
CA ILE B 333 6.09 4.14 -7.07
C ILE B 333 5.18 4.60 -5.94
N ASP B 334 5.76 5.00 -4.83
CA ASP B 334 5.03 5.49 -3.67
C ASP B 334 5.19 7.01 -3.68
N LEU B 335 4.13 7.73 -4.05
CA LEU B 335 4.24 9.19 -4.13
C LEU B 335 4.45 9.81 -2.76
N ASN B 336 3.91 9.20 -1.70
CA ASN B 336 3.91 9.85 -0.40
C ASN B 336 5.29 9.80 0.23
N ASN B 337 5.93 8.63 0.23
CA ASN B 337 7.23 8.45 0.84
C ASN B 337 8.36 8.49 -0.17
N LYS B 338 8.04 8.71 -1.45
CA LYS B 338 9.01 8.92 -2.51
C LYS B 338 9.97 7.73 -2.65
N THR B 339 9.38 6.55 -2.86
CA THR B 339 10.16 5.33 -3.06
C THR B 339 9.84 4.73 -4.43
N VAL B 340 10.76 3.89 -4.89
CA VAL B 340 10.67 3.24 -6.19
C VAL B 340 11.20 1.82 -6.04
N ARG B 341 10.34 0.82 -6.26
CA ARG B 341 10.70 -0.57 -6.08
C ARG B 341 10.50 -1.34 -7.38
N ASP B 342 11.50 -2.14 -7.73
CA ASP B 342 11.43 -2.96 -8.94
C ASP B 342 10.57 -4.20 -8.73
N ILE B 343 9.75 -4.51 -9.71
CA ILE B 343 8.99 -5.75 -9.72
C ILE B 343 9.85 -6.77 -10.47
N LYS B 344 10.61 -7.57 -9.71
CA LYS B 344 11.65 -8.42 -10.29
C LYS B 344 11.09 -9.56 -11.13
N GLU B 345 9.82 -9.92 -10.94
CA GLU B 345 9.26 -11.05 -11.66
C GLU B 345 8.74 -10.68 -13.05
N ILE B 346 8.63 -9.40 -13.36
CA ILE B 346 8.26 -8.95 -14.69
C ILE B 346 9.55 -8.74 -15.50
N PRO B 347 9.76 -9.46 -16.59
CA PRO B 347 11.00 -9.28 -17.36
C PRO B 347 11.01 -7.93 -18.02
N VAL B 348 12.23 -7.40 -18.21
CA VAL B 348 12.41 -6.20 -18.99
C VAL B 348 11.86 -6.41 -20.39
N HIS B 349 11.14 -5.42 -20.91
CA HIS B 349 10.34 -5.55 -22.12
C HIS B 349 10.20 -4.19 -22.76
N ASN B 350 9.85 -4.19 -24.05
CA ASN B 350 9.63 -2.95 -24.79
C ASN B 350 8.19 -2.48 -24.64
N GLY B 351 8.03 -1.15 -24.49
CA GLY B 351 6.72 -0.57 -24.25
C GLY B 351 5.90 -0.37 -25.51
N ASP B 352 4.65 0.06 -25.30
CA ASP B 352 3.72 0.27 -26.39
C ASP B 352 3.81 1.66 -27.02
N GLY B 353 4.75 2.49 -26.57
CA GLY B 353 4.91 3.78 -27.19
C GLY B 353 3.82 4.76 -26.83
N GLY B 354 3.53 5.65 -27.78
CA GLY B 354 2.64 6.77 -27.55
C GLY B 354 1.16 6.41 -27.65
N ARG B 355 0.66 5.79 -26.59
CA ARG B 355 -0.78 5.55 -26.45
C ARG B 355 -1.06 5.39 -24.95
N ARG B 356 -2.35 5.26 -24.63
CA ARG B 356 -2.73 5.09 -23.24
C ARG B 356 -2.15 3.80 -22.66
N PHE B 357 -1.92 3.81 -21.35
CA PHE B 357 -1.25 2.72 -20.64
C PHE B 357 -2.26 1.61 -20.36
N ALA B 358 -2.03 0.42 -20.91
CA ALA B 358 -2.96 -0.71 -20.77
C ALA B 358 -2.61 -1.43 -19.47
N ALA B 359 -3.21 -0.98 -18.39
CA ALA B 359 -3.00 -1.55 -17.07
C ALA B 359 -4.31 -1.49 -16.30
N LEU B 360 -4.67 -2.59 -15.63
CA LEU B 360 -5.95 -2.72 -14.96
C LEU B 360 -5.75 -2.85 -13.45
N VAL B 361 -6.49 -2.04 -12.69
CA VAL B 361 -6.49 -2.15 -11.23
C VAL B 361 -7.78 -2.84 -10.81
N ASP B 362 -7.65 -3.99 -10.15
CA ASP B 362 -8.79 -4.84 -9.86
C ASP B 362 -8.48 -5.73 -8.66
N GLY B 363 -9.38 -5.75 -7.68
CA GLY B 363 -9.29 -6.69 -6.58
C GLY B 363 -8.06 -6.53 -5.70
N GLY B 364 -7.50 -5.33 -5.62
CA GLY B 364 -6.29 -5.12 -4.88
C GLY B 364 -5.01 -5.43 -5.62
N TYR B 365 -5.09 -5.87 -6.87
CA TYR B 365 -3.93 -6.15 -7.70
C TYR B 365 -3.91 -5.19 -8.88
N VAL B 366 -2.76 -5.13 -9.56
CA VAL B 366 -2.65 -4.48 -10.86
C VAL B 366 -2.25 -5.52 -11.88
N TYR B 367 -2.90 -5.48 -13.04
CA TYR B 367 -2.64 -6.45 -14.10
C TYR B 367 -2.08 -5.72 -15.32
N ARG B 368 -1.03 -6.31 -15.91
CA ARG B 368 -0.34 -5.70 -17.04
C ARG B 368 0.07 -6.77 -18.04
N PRO B 369 -0.41 -6.69 -19.28
CA PRO B 369 0.12 -7.56 -20.34
C PRO B 369 1.57 -7.21 -20.65
N VAL B 370 2.43 -8.23 -20.69
CA VAL B 370 3.85 -8.05 -20.95
C VAL B 370 4.26 -8.96 -22.09
N THR B 371 5.01 -8.42 -23.04
CA THR B 371 5.51 -9.20 -24.17
C THR B 371 7.02 -9.31 -24.06
N ALA B 372 7.51 -10.54 -23.96
CA ALA B 372 8.95 -10.78 -23.99
C ALA B 372 9.23 -12.02 -24.83
N SER B 373 10.31 -12.73 -24.51
CA SER B 373 10.51 -14.05 -25.10
C SER B 373 9.44 -15.00 -24.55
N GLU B 374 8.90 -15.84 -25.44
CA GLU B 374 7.79 -16.76 -25.28
C GLU B 374 6.44 -16.10 -25.52
N GLY B 375 6.38 -14.77 -25.65
CA GLY B 375 5.17 -14.09 -26.06
C GLY B 375 4.58 -13.21 -25.00
N THR B 376 3.31 -12.83 -25.21
CA THR B 376 2.59 -11.92 -24.33
C THR B 376 1.89 -12.70 -23.22
N TYR B 377 2.14 -12.29 -21.98
CA TYR B 377 1.50 -12.87 -20.80
C TYR B 377 0.94 -11.75 -19.92
N ILE B 378 -0.16 -12.04 -19.25
CA ILE B 378 -0.66 -11.16 -18.21
C ILE B 378 0.13 -11.40 -16.93
N TYR B 379 0.55 -10.33 -16.28
CA TYR B 379 1.25 -10.40 -15.01
C TYR B 379 0.39 -9.77 -13.92
N GLN B 380 0.20 -10.50 -12.84
CA GLN B 380 -0.57 -10.00 -11.70
C GLN B 380 0.39 -9.45 -10.67
N VAL B 381 0.23 -8.17 -10.32
CA VAL B 381 1.17 -7.47 -9.44
C VAL B 381 0.53 -7.24 -8.09
N ASP B 382 1.22 -7.64 -7.03
CA ASP B 382 0.84 -7.28 -5.67
C ASP B 382 1.51 -5.96 -5.34
N PRO B 383 0.79 -4.85 -5.27
CA PRO B 383 1.46 -3.55 -5.10
C PRO B 383 2.13 -3.38 -3.74
N GLN B 384 1.68 -4.08 -2.69
CA GLN B 384 2.37 -3.92 -1.41
C GLN B 384 3.68 -4.68 -1.36
N ALA B 385 3.73 -5.89 -1.93
CA ALA B 385 4.96 -6.65 -1.99
C ALA B 385 5.86 -6.28 -3.17
N ALA B 386 5.33 -5.60 -4.18
CA ALA B 386 6.03 -5.34 -5.43
C ALA B 386 6.56 -6.65 -6.03
N THR B 387 5.66 -7.62 -6.14
CA THR B 387 5.97 -8.90 -6.76
C THR B 387 4.86 -9.24 -7.75
N ALA B 388 5.15 -10.13 -8.70
CA ALA B 388 4.17 -10.47 -9.71
C ALA B 388 4.16 -11.97 -9.96
N VAL B 389 3.02 -12.45 -10.47
CA VAL B 389 2.81 -13.83 -10.87
C VAL B 389 2.38 -13.83 -12.34
N ARG B 390 3.05 -14.63 -13.16
CA ARG B 390 2.68 -14.73 -14.57
C ARG B 390 1.34 -15.44 -14.70
N GLY B 391 0.43 -14.85 -15.47
CA GLY B 391 -0.90 -15.40 -15.63
C GLY B 391 -1.20 -15.93 -17.01
N ALA B 392 -2.36 -15.59 -17.54
CA ALA B 392 -2.82 -16.13 -18.81
C ALA B 392 -1.99 -15.60 -19.98
N LYS B 393 -1.86 -16.45 -21.00
CA LYS B 393 -1.26 -16.06 -22.27
C LYS B 393 -2.27 -15.25 -23.08
N VAL B 394 -1.75 -14.35 -23.91
CA VAL B 394 -2.57 -13.50 -24.75
C VAL B 394 -2.09 -13.64 -26.20
N SER B 395 -2.97 -14.16 -27.07
CA SER B 395 -2.64 -14.32 -28.49
C SER B 395 -2.95 -13.03 -29.22
N THR B 396 -1.93 -12.19 -29.37
CA THR B 396 -2.10 -10.85 -29.90
C THR B 396 -0.71 -10.34 -30.22
N THR B 397 -0.66 -9.30 -31.05
CA THR B 397 0.58 -8.53 -31.18
C THR B 397 0.79 -7.63 -29.97
N PHE B 398 -0.24 -6.89 -29.58
CA PHE B 398 -0.20 -6.11 -28.35
C PHE B 398 -1.61 -5.92 -27.83
N VAL B 399 -1.70 -5.41 -26.60
CA VAL B 399 -2.97 -5.08 -25.96
C VAL B 399 -3.15 -3.57 -26.00
N GLY B 400 -4.23 -3.11 -26.63
CA GLY B 400 -4.50 -1.69 -26.74
C GLY B 400 -5.50 -1.15 -25.75
N GLY B 401 -6.06 -2.00 -24.89
CA GLY B 401 -6.99 -1.57 -23.87
C GLY B 401 -7.29 -2.73 -22.93
N PHE B 402 -7.41 -2.45 -21.63
CA PHE B 402 -7.49 -3.50 -20.61
C PHE B 402 -8.38 -2.96 -19.49
N PHE B 403 -9.59 -3.53 -19.34
CA PHE B 403 -10.59 -2.93 -18.47
C PHE B 403 -11.40 -3.99 -17.76
N ARG B 404 -12.11 -3.56 -16.72
CA ARG B 404 -13.14 -4.37 -16.10
C ARG B 404 -14.47 -3.63 -16.21
N LEU B 405 -15.44 -4.25 -16.84
CA LEU B 405 -16.82 -3.80 -16.80
C LEU B 405 -17.57 -4.57 -15.72
N ASP B 406 -18.41 -3.86 -14.97
CA ASP B 406 -19.17 -4.50 -13.88
C ASP B 406 -20.60 -4.77 -14.30
#